data_8PLZ
#
_entry.id   8PLZ
#
_cell.length_a   1.00
_cell.length_b   1.00
_cell.length_c   1.00
_cell.angle_alpha   90.00
_cell.angle_beta   90.00
_cell.angle_gamma   90.00
#
_symmetry.space_group_name_H-M   'P 1'
#
loop_
_entity.id
_entity.type
_entity.pdbx_description
1 polymer 'CDK-activating kinase assembly factor MAT1'
2 polymer Cyclin-H
3 polymer 'Cyclin-dependent kinase 7'
4 non-polymer (3~{R},4~{R})-4-[[[7-[(2-methoxyphenyl)methylamino]-3-propan-2-yl-pyrazolo[1,5-a]pyrimidin-5-yl]amino]methyl]piperidin-3-ol
5 water water
#
loop_
_entity_poly.entity_id
_entity_poly.type
_entity_poly.pdbx_seq_one_letter_code
_entity_poly.pdbx_strand_id
1 'polypeptide(L)'
;SNAPVTFSTGIKMGQHISLAPIHKLEEALYEYQPLQIETYGPHVPELEMLGRLGYLNHVRAASPQDLAGGYTSSLACHRA
LQDAFSGLFWQPS
;
H
2 'polypeptide(L)'
;(ACE)MYHNSSQKRHWTFSSEEQLARLRADANRKFRCKAVANGKVLPNDPVFLEPHEEMTLCKYYEKRLLEFCSVFKPAM
PRSVVGTACMYFKRFYLNNSVMEYHPRIIMLTCAFLACKVDEFNVSSPQFVGNLRESPLGQEKALEQILEYELLLIQQLN
FHLIVHNPYRPFEGFLIDLKTRYPILENPEILRKTADDFLNRIALTDAYLLYTPSQIALTAILSSASRAGITMESYLSES
LMLKENRTCLSQLLDIMKSMRNLVKKYEPPRSEEVAVLKQKLERCHSAELALNVITKKRKGYEDDDYVSKKSKHEEEEWT
DDDLVESL
;
I
3 'polypeptide(L)'
;SNAMALDVKSRAKRYEKLDFLGEGQFATVYKARDKNTNQIVAIKKIKLGHRSEAKDGINRTALREIKLLQELSHPNIIGL
LDAFGHKSNISLVFDFMETDLEVIIKDNSLVLTPSHIKAYMLMTLQGLEYLHQHWILHRDLKPNNLLLDENGVLKLADFG
LAKSFGSPNRAYTHQVVTRWYRAPELLFGARMYGVGVDMWAVGCILAELLLRVPFLPGDSDLDQLTRIFETLGTPTEEQW
PDMCSLPDYVTFKSFPGIPLHHIFSAAGDDLLDLIQGLFLFNPCARITATQALKMKYFSNRPGPTPGCQLPRPNCPVETL
KEQSNPALAIKRKRTEALEQGGLPKKLIF
;
J
#
# COMPACT_ATOMS: atom_id res chain seq x y z
N ALA A 28 -27.48 -19.04 -14.66
CA ALA A 28 -26.32 -18.21 -14.97
C ALA A 28 -26.46 -16.80 -14.38
N LEU A 29 -27.03 -16.71 -13.19
CA LEU A 29 -27.23 -15.44 -12.52
C LEU A 29 -26.13 -15.19 -11.48
N TYR A 30 -25.89 -13.91 -11.19
CA TYR A 30 -24.87 -13.53 -10.23
C TYR A 30 -25.49 -13.31 -8.84
N GLU A 31 -24.74 -13.69 -7.81
CA GLU A 31 -25.11 -13.41 -6.44
C GLU A 31 -23.88 -12.95 -5.67
N TYR A 32 -24.07 -11.95 -4.81
CA TYR A 32 -22.95 -11.42 -4.05
C TYR A 32 -22.49 -12.43 -3.01
N GLN A 33 -21.17 -12.57 -2.87
CA GLN A 33 -20.54 -13.32 -1.81
C GLN A 33 -19.33 -12.52 -1.33
N PRO A 34 -19.28 -12.13 -0.06
CA PRO A 34 -18.20 -11.25 0.39
C PRO A 34 -16.83 -11.91 0.34
N LEU A 35 -15.81 -11.08 0.17
CA LEU A 35 -14.44 -11.57 0.12
C LEU A 35 -14.05 -12.20 1.45
N GLN A 36 -13.71 -13.49 1.41
CA GLN A 36 -13.32 -14.23 2.61
C GLN A 36 -11.81 -14.36 2.60
N ILE A 37 -11.12 -13.43 3.27
CA ILE A 37 -9.67 -13.46 3.40
C ILE A 37 -9.32 -13.56 4.87
N GLU A 38 -8.58 -14.59 5.23
CA GLU A 38 -8.21 -14.84 6.61
C GLU A 38 -7.29 -13.74 7.11
N THR A 39 -7.68 -13.08 8.20
CA THR A 39 -6.85 -12.06 8.80
C THR A 39 -5.93 -12.61 9.88
N TYR A 40 -6.13 -13.86 10.29
CA TYR A 40 -5.36 -14.51 11.35
C TYR A 40 -5.31 -13.65 12.60
N GLY A 41 -6.46 -13.09 12.96
CA GLY A 41 -6.54 -12.24 14.12
C GLY A 41 -7.95 -12.03 14.61
N PRO A 42 -8.09 -11.22 15.66
CA PRO A 42 -9.43 -10.98 16.23
C PRO A 42 -10.34 -10.25 15.25
N HIS A 43 -11.64 -10.43 15.45
CA HIS A 43 -12.65 -9.84 14.58
C HIS A 43 -12.62 -8.31 14.66
N VAL A 44 -12.65 -7.67 13.50
CA VAL A 44 -12.75 -6.21 13.41
C VAL A 44 -14.20 -5.84 13.16
N PRO A 45 -14.80 -4.96 13.97
CA PRO A 45 -16.17 -4.53 13.69
C PRO A 45 -16.25 -3.71 12.41
N GLU A 46 -17.43 -3.70 11.80
CA GLU A 46 -17.64 -3.06 10.51
C GLU A 46 -17.49 -1.55 10.62
N LEU A 47 -17.25 -0.91 9.47
CA LEU A 47 -17.23 0.55 9.40
C LEU A 47 -18.47 1.17 10.05
N GLU A 48 -19.64 0.65 9.70
CA GLU A 48 -20.90 1.30 10.09
C GLU A 48 -21.03 1.35 11.61
N MET A 49 -20.54 0.33 12.30
CA MET A 49 -20.78 0.15 13.72
C MET A 49 -19.81 0.90 14.62
N LEU A 50 -18.77 1.52 14.05
CA LEU A 50 -17.69 2.07 14.87
C LEU A 50 -18.19 3.17 15.79
N GLY A 51 -19.04 4.07 15.29
CA GLY A 51 -19.64 5.07 16.15
C GLY A 51 -20.58 4.47 17.17
N ARG A 52 -21.39 3.51 16.74
CA ARG A 52 -22.33 2.82 17.63
C ARG A 52 -21.60 2.18 18.79
N LEU A 53 -20.42 1.62 18.55
CA LEU A 53 -19.67 0.88 19.55
C LEU A 53 -18.70 1.75 20.34
N GLY A 54 -18.63 3.05 20.06
CA GLY A 54 -17.80 3.95 20.83
C GLY A 54 -16.38 4.09 20.36
N TYR A 55 -16.01 3.51 19.23
CA TYR A 55 -14.64 3.63 18.75
C TYR A 55 -14.31 5.05 18.30
N LEU A 56 -15.25 5.71 17.61
CA LEU A 56 -14.99 7.02 17.03
C LEU A 56 -14.78 8.10 18.08
N ASN A 57 -15.08 7.81 19.35
CA ASN A 57 -14.76 8.75 20.41
C ASN A 57 -13.25 8.85 20.65
N HIS A 58 -12.46 7.94 20.06
CA HIS A 58 -11.03 7.88 20.33
C HIS A 58 -10.18 8.11 19.09
N VAL A 59 -10.77 8.65 18.03
CA VAL A 59 -10.03 9.07 16.85
C VAL A 59 -10.37 10.52 16.58
N ARG A 60 -9.47 11.21 15.86
CA ARG A 60 -9.70 12.60 15.52
C ARG A 60 -10.85 12.72 14.53
N ALA A 61 -11.71 13.71 14.75
CA ALA A 61 -12.85 13.93 13.89
C ALA A 61 -12.41 14.41 12.50
N ALA A 62 -13.14 13.98 11.48
CA ALA A 62 -12.88 14.48 10.13
C ALA A 62 -13.34 15.93 10.01
N SER A 63 -12.49 16.77 9.43
CA SER A 63 -12.85 18.16 9.20
C SER A 63 -13.90 18.24 8.10
N PRO A 64 -14.66 19.34 8.03
CA PRO A 64 -15.65 19.47 6.94
C PRO A 64 -15.02 19.39 5.56
N GLN A 65 -13.81 19.94 5.39
CA GLN A 65 -13.12 19.81 4.12
C GLN A 65 -12.81 18.34 3.81
N ASP A 66 -12.37 17.58 4.80
CA ASP A 66 -12.15 16.15 4.61
C ASP A 66 -13.46 15.44 4.30
N LEU A 67 -14.53 15.81 5.01
CA LEU A 67 -15.82 15.14 4.81
C LEU A 67 -16.37 15.40 3.43
N ALA A 68 -16.21 16.62 2.92
CA ALA A 68 -16.73 16.97 1.60
C ALA A 68 -16.08 16.14 0.51
N GLY A 69 -14.84 15.70 0.71
CA GLY A 69 -14.18 14.81 -0.21
C GLY A 69 -14.47 13.34 -0.02
N GLY A 70 -15.23 12.99 1.01
CA GLY A 70 -15.54 11.61 1.31
C GLY A 70 -14.67 10.94 2.35
N TYR A 71 -13.81 11.69 3.02
CA TYR A 71 -12.95 11.14 4.06
C TYR A 71 -13.60 11.34 5.41
N THR A 72 -13.81 10.24 6.15
CA THR A 72 -14.36 10.27 7.49
C THR A 72 -13.36 9.69 8.48
N SER A 73 -13.56 10.00 9.76
CA SER A 73 -12.73 9.42 10.81
C SER A 73 -12.92 7.90 10.87
N SER A 74 -14.07 7.40 10.42
CA SER A 74 -14.34 5.97 10.40
C SER A 74 -13.29 5.22 9.59
N LEU A 75 -12.83 5.82 8.50
CA LEU A 75 -11.81 5.17 7.66
C LEU A 75 -10.52 4.95 8.44
N ALA A 76 -10.01 6.01 9.08
CA ALA A 76 -8.78 5.89 9.85
C ALA A 76 -8.94 4.89 10.98
N CYS A 77 -10.07 4.93 11.68
CA CYS A 77 -10.30 4.01 12.78
C CYS A 77 -10.33 2.57 12.30
N HIS A 78 -11.06 2.31 11.22
CA HIS A 78 -11.17 0.96 10.70
C HIS A 78 -9.81 0.43 10.27
N ARG A 79 -9.02 1.26 9.58
CA ARG A 79 -7.73 0.79 9.14
C ARG A 79 -6.80 0.52 10.31
N ALA A 80 -6.83 1.38 11.33
CA ALA A 80 -5.98 1.19 12.51
C ALA A 80 -6.35 -0.10 13.24
N LEU A 81 -7.65 -0.35 13.41
CA LEU A 81 -8.07 -1.59 14.07
C LEU A 81 -7.69 -2.81 13.25
N GLN A 82 -7.90 -2.75 11.93
CA GLN A 82 -7.54 -3.86 11.06
C GLN A 82 -6.06 -4.18 11.13
N ASP A 83 -5.21 -3.15 11.16
CA ASP A 83 -3.78 -3.39 11.28
C ASP A 83 -3.41 -3.92 12.65
N ALA A 84 -4.10 -3.46 13.71
CA ALA A 84 -3.82 -3.96 15.04
C ALA A 84 -4.15 -5.43 15.17
N PHE A 85 -5.20 -5.88 14.50
CA PHE A 85 -5.62 -7.27 14.66
C PHE A 85 -5.05 -8.20 13.58
N SER A 86 -4.54 -7.64 12.49
CA SER A 86 -4.05 -8.46 11.38
C SER A 86 -2.88 -9.33 11.82
N GLY A 87 -3.05 -10.64 11.68
CA GLY A 87 -1.97 -11.58 11.95
C GLY A 87 -1.52 -11.66 13.39
N LEU A 88 -2.36 -11.23 14.33
CA LEU A 88 -1.96 -11.28 15.74
C LEU A 88 -1.74 -12.70 16.22
N PHE A 89 -2.44 -13.67 15.62
CA PHE A 89 -2.35 -15.06 16.03
C PHE A 89 -1.46 -15.90 15.12
N TRP A 90 -0.86 -15.30 14.09
CA TRP A 90 -0.17 -16.07 13.08
C TRP A 90 1.24 -16.45 13.55
N GLN A 91 1.64 -17.67 13.21
CA GLN A 91 2.93 -18.25 13.55
C GLN A 91 3.76 -18.47 12.29
N PRO A 92 4.99 -17.96 12.22
CA PRO A 92 5.92 -18.19 11.11
C PRO A 92 6.42 -19.63 11.04
N MET B 2 -2.41 -5.21 3.22
CA MET B 2 -2.71 -5.86 4.49
C MET B 2 -1.59 -6.84 4.84
N TYR B 3 -1.22 -6.91 6.13
CA TYR B 3 -0.13 -7.79 6.54
C TYR B 3 -0.46 -9.26 6.24
N HIS B 4 -1.71 -9.67 6.52
CA HIS B 4 -2.06 -11.08 6.52
C HIS B 4 -1.96 -11.74 5.16
N ASN B 5 -1.88 -10.97 4.07
CA ASN B 5 -1.52 -11.54 2.78
C ASN B 5 -0.38 -10.78 2.13
N SER B 6 0.53 -10.23 2.93
CA SER B 6 1.62 -9.40 2.45
C SER B 6 2.83 -10.23 2.07
N SER B 7 3.76 -9.59 1.36
CA SER B 7 5.03 -10.22 1.06
C SER B 7 5.92 -10.31 2.28
N GLN B 8 5.80 -9.37 3.22
CA GLN B 8 6.58 -9.45 4.45
C GLN B 8 6.24 -10.73 5.23
N LYS B 9 4.95 -11.02 5.38
CA LYS B 9 4.53 -12.24 6.07
C LYS B 9 4.92 -13.48 5.28
N ARG B 10 4.75 -13.43 3.96
CA ARG B 10 4.98 -14.60 3.13
C ARG B 10 6.46 -14.96 3.05
N HIS B 11 7.34 -13.95 3.00
CA HIS B 11 8.75 -14.17 2.66
C HIS B 11 9.75 -13.63 3.65
N TRP B 12 9.40 -12.69 4.52
CA TRP B 12 10.37 -12.01 5.36
C TRP B 12 10.02 -12.09 6.85
N THR B 13 9.30 -13.14 7.24
CA THR B 13 9.10 -13.47 8.65
C THR B 13 9.55 -14.91 8.84
N PHE B 14 10.65 -15.10 9.56
CA PHE B 14 11.34 -16.38 9.62
C PHE B 14 11.05 -17.12 10.92
N SER B 15 11.32 -18.42 10.90
CA SER B 15 10.90 -19.30 12.00
C SER B 15 11.65 -19.04 13.29
N SER B 16 12.96 -18.81 13.23
CA SER B 16 13.73 -18.73 14.46
C SER B 16 14.97 -17.89 14.24
N GLU B 17 15.62 -17.54 15.34
CA GLU B 17 16.86 -16.77 15.28
C GLU B 17 17.97 -17.60 14.64
N GLU B 18 17.90 -18.92 14.84
CA GLU B 18 18.84 -19.87 14.26
C GLU B 18 18.82 -19.79 12.73
N GLN B 19 17.62 -19.69 12.14
CA GLN B 19 17.51 -19.58 10.68
C GLN B 19 18.16 -18.30 10.17
N LEU B 20 17.95 -17.18 10.87
CA LEU B 20 18.59 -15.93 10.48
C LEU B 20 20.11 -16.06 10.57
N ALA B 21 20.59 -16.71 11.62
CA ALA B 21 22.02 -16.96 11.74
C ALA B 21 22.53 -17.77 10.57
N ARG B 22 21.76 -18.76 10.13
CA ARG B 22 22.14 -19.54 8.96
C ARG B 22 22.25 -18.67 7.72
N LEU B 23 21.26 -17.81 7.48
CA LEU B 23 21.29 -16.98 6.29
C LEU B 23 22.51 -16.05 6.29
N ARG B 24 22.78 -15.43 7.44
CA ARG B 24 23.95 -14.55 7.52
C ARG B 24 25.25 -15.33 7.37
N ALA B 25 25.31 -16.55 7.92
CA ALA B 25 26.48 -17.39 7.75
C ALA B 25 26.70 -17.75 6.29
N ASP B 26 25.61 -18.05 5.56
CA ASP B 26 25.72 -18.28 4.12
C ASP B 26 26.29 -17.05 3.42
N ALA B 27 25.80 -15.86 3.78
CA ALA B 27 26.29 -14.65 3.14
C ALA B 27 27.79 -14.49 3.35
N ASN B 28 28.22 -14.61 4.60
CA ASN B 28 29.63 -14.43 4.94
C ASN B 28 30.49 -15.48 4.23
N ARG B 29 30.05 -16.73 4.26
CA ARG B 29 30.76 -17.82 3.61
C ARG B 29 30.88 -17.59 2.10
N LYS B 30 29.80 -17.14 1.47
CA LYS B 30 29.81 -16.97 0.02
C LYS B 30 30.71 -15.82 -0.39
N PHE B 31 30.73 -14.73 0.38
CA PHE B 31 31.69 -13.68 0.06
C PHE B 31 33.12 -14.16 0.24
N ARG B 32 33.38 -14.95 1.30
CA ARG B 32 34.72 -15.51 1.47
C ARG B 32 35.12 -16.37 0.28
N CYS B 33 34.20 -17.20 -0.21
CA CYS B 33 34.48 -18.02 -1.38
C CYS B 33 34.77 -17.17 -2.61
N LYS B 34 34.02 -16.09 -2.81
CA LYS B 34 34.33 -15.19 -3.93
C LYS B 34 35.71 -14.55 -3.76
N ALA B 35 36.04 -14.12 -2.54
CA ALA B 35 37.31 -13.44 -2.32
C ALA B 35 38.50 -14.37 -2.50
N VAL B 36 38.39 -15.63 -2.10
CA VAL B 36 39.48 -16.58 -2.35
C VAL B 36 39.52 -16.96 -3.82
N ALA B 37 38.36 -17.08 -4.48
CA ALA B 37 38.37 -17.42 -5.90
C ALA B 37 38.85 -16.27 -6.78
N ASN B 38 38.89 -15.05 -6.26
CA ASN B 38 39.42 -13.92 -7.02
C ASN B 38 40.94 -13.95 -7.03
N GLY B 39 41.56 -13.87 -5.85
CA GLY B 39 43.01 -13.88 -5.76
C GLY B 39 43.54 -15.15 -5.13
N ASP B 45 42.25 -15.84 5.21
CA ASP B 45 43.18 -15.04 5.99
C ASP B 45 42.41 -14.05 6.87
N PRO B 46 43.05 -13.50 7.90
CA PRO B 46 42.31 -12.70 8.88
C PRO B 46 41.82 -11.35 8.39
N VAL B 47 41.89 -11.09 7.08
CA VAL B 47 41.24 -9.90 6.55
C VAL B 47 39.73 -10.02 6.73
N PHE B 48 39.20 -11.24 6.68
CA PHE B 48 37.77 -11.45 6.67
C PHE B 48 37.13 -11.14 8.02
N LEU B 49 35.88 -10.69 7.96
CA LEU B 49 35.07 -10.53 9.15
C LEU B 49 34.33 -11.82 9.46
N GLU B 50 34.27 -12.17 10.74
CA GLU B 50 33.42 -13.27 11.17
C GLU B 50 31.96 -12.85 11.15
N PRO B 51 31.03 -13.80 11.09
CA PRO B 51 29.60 -13.42 11.10
C PRO B 51 29.19 -12.59 12.29
N HIS B 52 29.71 -12.87 13.49
CA HIS B 52 29.37 -12.03 14.64
C HIS B 52 29.98 -10.64 14.50
N GLU B 53 31.14 -10.54 13.85
CA GLU B 53 31.70 -9.23 13.54
C GLU B 53 30.83 -8.47 12.54
N GLU B 54 30.33 -9.18 11.52
CA GLU B 54 29.39 -8.56 10.58
C GLU B 54 28.13 -8.08 11.30
N MET B 55 27.61 -8.89 12.23
CA MET B 55 26.40 -8.52 12.95
C MET B 55 26.64 -7.31 13.85
N THR B 56 27.81 -7.25 14.49
CA THR B 56 28.15 -6.07 15.27
C THR B 56 28.20 -4.82 14.40
N LEU B 57 28.84 -4.92 13.23
CA LEU B 57 28.89 -3.76 12.33
C LEU B 57 27.51 -3.39 11.83
N CYS B 58 26.66 -4.38 11.56
CA CYS B 58 25.30 -4.11 11.09
C CYS B 58 24.49 -3.39 12.17
N LYS B 59 24.66 -3.79 13.43
CA LYS B 59 23.97 -3.09 14.51
C LYS B 59 24.46 -1.65 14.63
N TYR B 60 25.78 -1.44 14.53
CA TYR B 60 26.31 -0.09 14.57
C TYR B 60 25.74 0.77 13.44
N TYR B 61 25.71 0.23 12.23
CA TYR B 61 25.25 1.02 11.10
C TYR B 61 23.74 1.18 11.11
N GLU B 62 23.00 0.26 11.72
CA GLU B 62 21.57 0.50 11.91
C GLU B 62 21.35 1.66 12.87
N LYS B 63 22.15 1.76 13.93
CA LYS B 63 22.07 2.95 14.78
C LYS B 63 22.39 4.21 13.99
N ARG B 64 23.41 4.14 13.13
CA ARG B 64 23.75 5.29 12.28
C ARG B 64 22.58 5.67 11.37
N LEU B 65 21.91 4.67 10.79
CA LEU B 65 20.73 4.92 9.95
C LEU B 65 19.63 5.58 10.75
N LEU B 66 19.38 5.09 11.97
CA LEU B 66 18.37 5.69 12.83
C LEU B 66 18.64 7.17 13.04
N GLU B 67 19.86 7.53 13.42
CA GLU B 67 20.03 8.95 13.74
C GLU B 67 20.20 9.80 12.48
N PHE B 68 20.58 9.19 11.34
CA PHE B 68 20.51 9.92 10.07
C PHE B 68 19.07 10.30 9.75
N CYS B 69 18.13 9.36 9.94
CA CYS B 69 16.73 9.68 9.71
C CYS B 69 16.18 10.64 10.76
N SER B 70 16.74 10.58 11.98
CA SER B 70 16.23 11.39 13.08
C SER B 70 16.40 12.88 12.83
N VAL B 71 17.52 13.27 12.22
CA VAL B 71 17.82 14.67 11.96
C VAL B 71 17.63 15.03 10.50
N PHE B 72 17.07 14.11 9.70
CA PHE B 72 16.81 14.38 8.29
C PHE B 72 15.79 15.51 8.14
N LYS B 73 16.10 16.47 7.28
CA LYS B 73 15.22 17.60 7.01
C LYS B 73 14.87 17.60 5.52
N PRO B 74 13.58 17.60 5.14
CA PRO B 74 12.38 17.77 5.97
C PRO B 74 12.10 16.56 6.85
N ALA B 75 11.39 16.77 7.96
CA ALA B 75 11.16 15.72 8.95
C ALA B 75 10.61 14.46 8.29
N MET B 76 11.26 13.34 8.54
CA MET B 76 10.93 12.05 7.96
C MET B 76 9.89 11.34 8.79
N PRO B 77 8.82 10.84 8.19
CA PRO B 77 7.82 10.08 8.95
C PRO B 77 8.43 8.81 9.53
N ARG B 78 7.84 8.34 10.64
CA ARG B 78 8.35 7.13 11.28
C ARG B 78 8.15 5.91 10.40
N SER B 79 7.13 5.91 9.55
CA SER B 79 6.93 4.79 8.64
C SER B 79 8.10 4.65 7.67
N VAL B 80 8.61 5.78 7.17
CA VAL B 80 9.77 5.74 6.28
C VAL B 80 10.99 5.19 7.02
N VAL B 81 11.20 5.64 8.26
CA VAL B 81 12.34 5.18 9.03
C VAL B 81 12.27 3.68 9.29
N GLY B 82 11.08 3.20 9.68
CA GLY B 82 10.92 1.77 9.89
C GLY B 82 11.13 0.97 8.62
N THR B 83 10.61 1.47 7.50
CA THR B 83 10.82 0.82 6.21
C THR B 83 12.31 0.74 5.87
N ALA B 84 13.04 1.84 6.09
CA ALA B 84 14.47 1.86 5.78
C ALA B 84 15.24 0.88 6.66
N CYS B 85 14.91 0.83 7.96
CA CYS B 85 15.59 -0.10 8.85
C CYS B 85 15.28 -1.54 8.47
N MET B 86 14.03 -1.83 8.11
CA MET B 86 13.68 -3.17 7.63
C MET B 86 14.43 -3.51 6.36
N TYR B 87 14.59 -2.54 5.46
CA TYR B 87 15.39 -2.76 4.26
C TYR B 87 16.82 -3.12 4.63
N PHE B 88 17.40 -2.40 5.58
CA PHE B 88 18.77 -2.67 6.00
C PHE B 88 18.90 -4.09 6.56
N LYS B 89 18.00 -4.45 7.46
CA LYS B 89 18.01 -5.79 8.05
C LYS B 89 17.87 -6.86 6.98
N ARG B 90 16.91 -6.69 6.07
CA ARG B 90 16.67 -7.68 5.03
C ARG B 90 17.86 -7.80 4.09
N PHE B 91 18.47 -6.67 3.74
CA PHE B 91 19.61 -6.72 2.82
C PHE B 91 20.76 -7.50 3.43
N TYR B 92 21.05 -7.27 4.71
CA TYR B 92 22.21 -7.96 5.25
C TYR B 92 21.93 -9.37 5.75
N LEU B 93 20.69 -9.85 5.60
CA LEU B 93 20.43 -11.27 5.81
C LEU B 93 21.14 -12.12 4.77
N ASN B 94 21.26 -11.61 3.54
CA ASN B 94 21.77 -12.39 2.42
C ASN B 94 22.94 -11.72 1.72
N ASN B 95 23.56 -10.72 2.34
CA ASN B 95 24.71 -10.04 1.76
C ASN B 95 25.70 -9.68 2.85
N SER B 96 26.97 -9.64 2.49
CA SER B 96 28.03 -9.36 3.43
C SER B 96 28.40 -7.89 3.40
N VAL B 97 28.72 -7.34 4.57
CA VAL B 97 29.21 -5.97 4.66
C VAL B 97 30.59 -5.82 4.02
N MET B 98 31.29 -6.94 3.77
CA MET B 98 32.55 -6.89 3.06
C MET B 98 32.37 -6.67 1.57
N GLU B 99 31.24 -7.11 1.00
CA GLU B 99 30.96 -6.87 -0.39
C GLU B 99 30.32 -5.50 -0.61
N TYR B 100 29.27 -5.19 0.14
CA TYR B 100 28.56 -3.92 0.01
C TYR B 100 28.69 -3.16 1.32
N HIS B 101 29.29 -1.98 1.26
CA HIS B 101 29.57 -1.24 2.47
C HIS B 101 28.27 -0.78 3.12
N PRO B 102 28.12 -0.97 4.44
CA PRO B 102 26.87 -0.57 5.10
C PRO B 102 26.64 0.92 5.14
N ARG B 103 27.67 1.76 5.04
CA ARG B 103 27.39 3.19 5.07
C ARG B 103 26.71 3.65 3.79
N ILE B 104 27.05 3.04 2.65
CA ILE B 104 26.33 3.31 1.42
C ILE B 104 24.96 2.67 1.44
N ILE B 105 24.88 1.42 1.92
CA ILE B 105 23.63 0.68 1.87
C ILE B 105 22.58 1.33 2.77
N MET B 106 22.98 1.85 3.93
CA MET B 106 22.01 2.47 4.82
C MET B 106 21.43 3.74 4.18
N LEU B 107 22.27 4.52 3.51
CA LEU B 107 21.78 5.70 2.80
C LEU B 107 20.87 5.31 1.65
N THR B 108 21.23 4.23 0.94
CA THR B 108 20.38 3.75 -0.15
C THR B 108 19.04 3.26 0.37
N CYS B 109 19.05 2.62 1.54
CA CYS B 109 17.81 2.16 2.16
C CYS B 109 16.91 3.34 2.50
N ALA B 110 17.49 4.39 3.09
CA ALA B 110 16.69 5.58 3.37
C ALA B 110 16.16 6.21 2.08
N PHE B 111 17.01 6.30 1.07
CA PHE B 111 16.63 6.90 -0.21
C PHE B 111 15.48 6.14 -0.87
N LEU B 112 15.53 4.81 -0.84
CA LEU B 112 14.48 4.01 -1.43
C LEU B 112 13.21 4.03 -0.60
N ALA B 113 13.34 3.99 0.73
CA ALA B 113 12.17 4.04 1.59
C ALA B 113 11.43 5.36 1.46
N CYS B 114 12.17 6.44 1.17
CA CYS B 114 11.51 7.72 0.93
C CYS B 114 10.59 7.64 -0.28
N LYS B 115 11.01 6.94 -1.34
CA LYS B 115 10.18 6.79 -2.53
C LYS B 115 9.01 5.85 -2.28
N VAL B 116 9.27 4.71 -1.64
CA VAL B 116 8.23 3.70 -1.45
C VAL B 116 7.12 4.22 -0.56
N ASP B 117 7.48 4.91 0.52
CA ASP B 117 6.48 5.45 1.42
C ASP B 117 5.95 6.80 0.97
N GLU B 118 6.20 7.17 -0.29
CA GLU B 118 5.64 8.38 -0.91
C GLU B 118 5.97 9.63 -0.10
N PHE B 119 7.21 9.70 0.38
CA PHE B 119 7.71 10.86 1.11
C PHE B 119 8.58 11.65 0.14
N ASN B 120 7.98 12.63 -0.52
CA ASN B 120 8.60 13.27 -1.68
C ASN B 120 9.82 14.08 -1.24
N VAL B 121 10.99 13.65 -1.70
CA VAL B 121 12.26 14.29 -1.40
C VAL B 121 13.05 14.35 -2.69
N SER B 122 13.57 15.52 -3.03
CA SER B 122 14.49 15.60 -4.17
C SER B 122 15.84 15.04 -3.77
N SER B 123 16.52 14.42 -4.74
CA SER B 123 17.86 13.91 -4.48
C SER B 123 18.80 14.97 -3.92
N PRO B 124 18.82 16.22 -4.43
CA PRO B 124 19.65 17.25 -3.77
C PRO B 124 19.30 17.47 -2.31
N GLN B 125 18.01 17.56 -1.98
CA GLN B 125 17.68 17.79 -0.57
C GLN B 125 17.82 16.52 0.25
N PHE B 126 17.82 15.35 -0.38
CA PHE B 126 18.18 14.14 0.34
C PHE B 126 19.65 14.18 0.74
N VAL B 127 20.53 14.46 -0.22
CA VAL B 127 21.96 14.42 0.08
C VAL B 127 22.41 15.64 0.88
N GLY B 128 21.61 16.71 0.93
CA GLY B 128 21.96 17.84 1.76
C GLY B 128 21.99 17.53 3.24
N ASN B 129 21.40 16.41 3.65
CA ASN B 129 21.39 16.01 5.05
C ASN B 129 22.70 15.37 5.51
N LEU B 130 23.59 15.03 4.60
CA LEU B 130 24.90 14.48 4.97
C LEU B 130 25.87 15.60 5.30
N ARG B 131 26.68 15.40 6.34
CA ARG B 131 27.70 16.38 6.72
C ARG B 131 28.95 16.13 5.88
N GLU B 132 28.92 16.63 4.65
CA GLU B 132 30.02 16.45 3.70
C GLU B 132 30.15 17.69 2.85
N SER B 133 31.33 17.86 2.26
CA SER B 133 31.52 18.91 1.27
C SER B 133 30.62 18.62 0.06
N PRO B 134 30.22 19.65 -0.70
CA PRO B 134 29.27 19.43 -1.80
C PRO B 134 29.71 18.35 -2.78
N LEU B 135 31.01 18.30 -3.07
CA LEU B 135 31.53 17.23 -3.92
C LEU B 135 31.33 15.87 -3.29
N GLY B 136 31.54 15.76 -1.97
CA GLY B 136 31.24 14.52 -1.27
C GLY B 136 29.77 14.17 -1.29
N GLN B 137 28.90 15.17 -1.21
CA GLN B 137 27.46 14.93 -1.37
C GLN B 137 27.14 14.37 -2.75
N GLU B 138 27.75 14.94 -3.80
CA GLU B 138 27.53 14.44 -5.15
C GLU B 138 28.02 13.00 -5.29
N LYS B 139 29.18 12.69 -4.72
CA LYS B 139 29.73 11.35 -4.83
C LYS B 139 28.89 10.34 -4.04
N ALA B 140 28.37 10.77 -2.87
CA ALA B 140 27.42 9.95 -2.14
C ALA B 140 26.16 9.68 -2.95
N LEU B 141 25.64 10.71 -3.62
CA LEU B 141 24.44 10.54 -4.43
C LEU B 141 24.68 9.56 -5.56
N GLU B 142 25.84 9.68 -6.22
CA GLU B 142 26.15 8.74 -7.30
C GLU B 142 26.25 7.32 -6.76
N GLN B 143 26.83 7.15 -5.58
CA GLN B 143 26.93 5.82 -4.97
C GLN B 143 25.53 5.25 -4.67
N ILE B 144 24.65 6.09 -4.11
CA ILE B 144 23.29 5.65 -3.82
C ILE B 144 22.57 5.24 -5.09
N LEU B 145 22.72 6.04 -6.15
CA LEU B 145 22.05 5.71 -7.40
C LEU B 145 22.63 4.44 -8.01
N GLU B 146 23.91 4.17 -7.77
CA GLU B 146 24.50 2.93 -8.21
C GLU B 146 23.91 1.74 -7.47
N TYR B 147 23.65 1.89 -6.18
CA TYR B 147 23.21 0.77 -5.35
C TYR B 147 21.69 0.64 -5.25
N GLU B 148 20.91 1.57 -5.81
CA GLU B 148 19.46 1.52 -5.63
C GLU B 148 18.84 0.27 -6.24
N LEU B 149 19.19 -0.04 -7.49
CA LEU B 149 18.66 -1.23 -8.13
C LEU B 149 19.16 -2.50 -7.44
N LEU B 150 20.41 -2.50 -6.98
CA LEU B 150 20.93 -3.64 -6.24
C LEU B 150 20.13 -3.88 -4.97
N LEU B 151 19.83 -2.81 -4.23
CA LEU B 151 19.03 -2.95 -3.03
C LEU B 151 17.65 -3.52 -3.35
N ILE B 152 17.04 -3.02 -4.42
CA ILE B 152 15.71 -3.50 -4.77
C ILE B 152 15.76 -4.98 -5.17
N GLN B 153 16.77 -5.38 -5.94
CA GLN B 153 16.91 -6.78 -6.31
C GLN B 153 17.10 -7.67 -5.09
N GLN B 154 17.92 -7.22 -4.14
CA GLN B 154 18.18 -8.00 -2.93
C GLN B 154 16.98 -8.04 -2.00
N LEU B 155 16.07 -7.08 -2.12
CA LEU B 155 14.79 -7.16 -1.43
C LEU B 155 13.79 -8.04 -2.16
N ASN B 156 14.19 -8.62 -3.29
CA ASN B 156 13.31 -9.42 -4.14
C ASN B 156 12.08 -8.62 -4.55
N PHE B 157 12.26 -7.32 -4.73
CA PHE B 157 11.20 -6.41 -5.15
C PHE B 157 10.01 -6.46 -4.19
N HIS B 158 10.30 -6.63 -2.91
CA HIS B 158 9.32 -6.56 -1.83
C HIS B 158 9.58 -5.26 -1.08
N LEU B 159 8.78 -4.24 -1.39
CA LEU B 159 9.06 -2.90 -0.90
C LEU B 159 8.11 -2.44 0.19
N ILE B 160 6.87 -2.93 0.21
CA ILE B 160 5.94 -2.55 1.26
C ILE B 160 6.35 -3.23 2.55
N VAL B 161 6.62 -2.43 3.57
CA VAL B 161 6.99 -2.93 4.90
C VAL B 161 5.89 -2.56 5.87
N HIS B 162 5.34 -3.55 6.56
CA HIS B 162 4.32 -3.34 7.57
C HIS B 162 5.01 -3.13 8.91
N ASN B 163 4.87 -1.94 9.45
CA ASN B 163 5.50 -1.51 10.69
C ASN B 163 4.55 -1.70 11.87
N PRO B 164 5.07 -1.67 13.11
CA PRO B 164 4.19 -1.84 14.27
C PRO B 164 3.42 -0.59 14.68
N TYR B 165 3.67 0.56 14.06
CA TYR B 165 3.16 1.82 14.58
C TYR B 165 1.63 1.92 14.44
N ARG B 166 1.11 1.63 13.26
CA ARG B 166 -0.34 1.67 13.10
C ARG B 166 -1.03 0.59 13.93
N PRO B 167 -0.52 -0.65 14.01
CA PRO B 167 -1.10 -1.60 14.97
C PRO B 167 -1.08 -1.09 16.40
N PHE B 168 -0.02 -0.39 16.80
CA PHE B 168 0.03 0.20 18.13
C PHE B 168 -1.12 1.17 18.33
N GLU B 169 -1.36 2.03 17.33
CA GLU B 169 -2.47 2.99 17.41
C GLU B 169 -3.81 2.26 17.48
N GLY B 170 -3.97 1.22 16.68
CA GLY B 170 -5.21 0.45 16.69
C GLY B 170 -5.47 -0.24 18.02
N PHE B 171 -4.42 -0.77 18.66
CA PHE B 171 -4.59 -1.35 19.97
C PHE B 171 -4.97 -0.30 20.99
N LEU B 172 -4.38 0.90 20.90
CA LEU B 172 -4.77 1.97 21.82
C LEU B 172 -6.24 2.32 21.66
N ILE B 173 -6.72 2.39 20.41
CA ILE B 173 -8.14 2.63 20.15
C ILE B 173 -8.98 1.53 20.78
N ASP B 174 -8.62 0.27 20.55
CA ASP B 174 -9.42 -0.84 21.05
C ASP B 174 -9.43 -0.88 22.57
N LEU B 175 -8.31 -0.53 23.20
CA LEU B 175 -8.22 -0.50 24.65
C LEU B 175 -9.11 0.60 25.21
N LYS B 176 -9.00 1.82 24.65
CA LYS B 176 -9.84 2.91 25.10
C LYS B 176 -11.31 2.60 24.95
N THR B 177 -11.68 1.87 23.91
CA THR B 177 -13.09 1.61 23.65
C THR B 177 -13.64 0.42 24.42
N ARG B 178 -12.86 -0.63 24.60
CA ARG B 178 -13.38 -1.90 25.09
C ARG B 178 -12.78 -2.39 26.40
N TYR B 179 -11.82 -1.67 26.98
CA TYR B 179 -11.14 -2.11 28.19
C TYR B 179 -11.15 -0.97 29.21
N PRO B 180 -12.32 -0.69 29.80
CA PRO B 180 -12.40 0.44 30.75
C PRO B 180 -11.55 0.28 31.99
N ILE B 181 -11.29 -0.95 32.43
CA ILE B 181 -10.50 -1.17 33.64
C ILE B 181 -9.08 -0.65 33.50
N LEU B 182 -8.62 -0.42 32.27
CA LEU B 182 -7.45 0.42 32.02
C LEU B 182 -8.00 1.83 31.83
N GLU B 183 -7.97 2.63 32.90
CA GLU B 183 -8.68 3.92 32.88
C GLU B 183 -8.16 4.84 31.79
N ASN B 184 -6.84 4.96 31.67
CA ASN B 184 -6.22 5.82 30.64
C ASN B 184 -5.10 5.05 29.96
N PRO B 185 -5.38 4.39 28.84
CA PRO B 185 -4.32 3.67 28.12
C PRO B 185 -3.20 4.59 27.61
N GLU B 186 -3.46 5.89 27.48
CA GLU B 186 -2.48 6.79 26.89
C GLU B 186 -1.20 6.91 27.71
N ILE B 187 -1.27 6.75 29.03
CA ILE B 187 -0.04 6.80 29.81
C ILE B 187 0.85 5.60 29.50
N LEU B 188 0.31 4.56 28.86
CA LEU B 188 1.12 3.44 28.41
C LEU B 188 1.94 3.77 27.17
N ARG B 189 1.72 4.92 26.54
CA ARG B 189 2.34 5.17 25.24
C ARG B 189 3.87 5.24 25.35
N LYS B 190 4.37 6.18 26.16
CA LYS B 190 5.80 6.45 26.18
C LYS B 190 6.61 5.18 26.45
N THR B 191 6.30 4.49 27.55
CA THR B 191 7.05 3.29 27.89
C THR B 191 6.86 2.20 26.83
N ALA B 192 5.68 2.11 26.24
CA ALA B 192 5.52 1.19 25.13
C ALA B 192 6.38 1.60 23.94
N ASP B 193 6.39 2.90 23.62
CA ASP B 193 7.17 3.37 22.48
C ASP B 193 8.65 3.05 22.69
N ASP B 194 9.15 3.37 23.89
CA ASP B 194 10.51 2.99 24.25
C ASP B 194 10.74 1.51 23.99
N PHE B 195 9.83 0.65 24.45
CA PHE B 195 10.05 -0.78 24.28
C PHE B 195 10.04 -1.15 22.80
N LEU B 196 9.15 -0.53 22.02
CA LEU B 196 9.17 -0.74 20.58
C LEU B 196 10.55 -0.43 20.02
N ASN B 197 11.12 0.70 20.42
CA ASN B 197 12.43 1.09 19.93
C ASN B 197 13.48 0.05 20.28
N ARG B 198 13.34 -0.63 21.41
CA ARG B 198 14.28 -1.68 21.75
C ARG B 198 14.03 -2.92 20.90
N ILE B 199 12.75 -3.28 20.70
CA ILE B 199 12.42 -4.44 19.89
C ILE B 199 13.00 -4.26 18.49
N ALA B 200 13.05 -3.01 18.02
CA ALA B 200 13.54 -2.73 16.68
C ALA B 200 15.03 -3.02 16.54
N LEU B 201 15.80 -2.90 17.63
CA LEU B 201 17.23 -3.16 17.53
C LEU B 201 17.50 -4.65 17.35
N THR B 202 16.58 -5.49 17.78
CA THR B 202 16.75 -6.94 17.72
C THR B 202 16.36 -7.45 16.34
N ASP B 203 16.28 -8.77 16.19
CA ASP B 203 15.81 -9.37 14.95
C ASP B 203 14.32 -9.66 14.96
N ALA B 204 13.57 -9.13 15.93
CA ALA B 204 12.16 -9.47 16.06
C ALA B 204 11.35 -9.08 14.82
N TYR B 205 11.72 -7.97 14.17
CA TYR B 205 10.98 -7.52 12.99
C TYR B 205 11.03 -8.54 11.87
N LEU B 206 11.97 -9.47 11.92
CA LEU B 206 12.07 -10.57 10.97
C LEU B 206 11.47 -11.87 11.52
N LEU B 207 10.98 -11.87 12.75
CA LEU B 207 10.52 -13.08 13.41
C LEU B 207 9.07 -13.04 13.88
N TYR B 208 8.46 -11.86 13.94
CA TYR B 208 7.14 -11.69 14.53
C TYR B 208 6.32 -10.75 13.66
N THR B 209 4.99 -10.87 13.78
CA THR B 209 4.10 -9.97 13.07
C THR B 209 4.13 -8.59 13.71
N PRO B 210 3.85 -7.53 12.94
CA PRO B 210 3.81 -6.19 13.53
C PRO B 210 2.79 -6.05 14.65
N SER B 211 1.64 -6.71 14.50
CA SER B 211 0.63 -6.66 15.56
C SER B 211 1.15 -7.30 16.84
N GLN B 212 1.82 -8.45 16.73
CA GLN B 212 2.41 -9.09 17.90
C GLN B 212 3.42 -8.18 18.57
N ILE B 213 4.24 -7.50 17.76
CA ILE B 213 5.24 -6.59 18.30
C ILE B 213 4.58 -5.44 19.05
N ALA B 214 3.54 -4.85 18.45
CA ALA B 214 2.83 -3.73 19.08
C ALA B 214 2.18 -4.16 20.40
N LEU B 215 1.55 -5.34 20.40
CA LEU B 215 0.87 -5.81 21.60
C LEU B 215 1.87 -6.17 22.69
N THR B 216 3.01 -6.75 22.31
CA THR B 216 4.05 -7.03 23.29
C THR B 216 4.55 -5.75 23.93
N ALA B 217 4.78 -4.71 23.11
CA ALA B 217 5.21 -3.44 23.67
C ALA B 217 4.18 -2.89 24.64
N ILE B 218 2.90 -2.98 24.29
CA ILE B 218 1.86 -2.43 25.15
C ILE B 218 1.79 -3.18 26.47
N LEU B 219 1.80 -4.52 26.44
CA LEU B 219 1.73 -5.27 27.69
C LEU B 219 2.98 -5.12 28.53
N SER B 220 4.15 -4.99 27.90
CA SER B 220 5.36 -4.71 28.66
C SER B 220 5.27 -3.36 29.35
N SER B 221 4.70 -2.37 28.67
CA SER B 221 4.48 -1.07 29.31
C SER B 221 3.53 -1.21 30.49
N ALA B 222 2.45 -1.97 30.32
CA ALA B 222 1.50 -2.17 31.40
C ALA B 222 2.17 -2.83 32.60
N SER B 223 3.02 -3.81 32.35
CA SER B 223 3.76 -4.47 33.43
C SER B 223 4.72 -3.51 34.12
N ARG B 224 5.42 -2.66 33.36
CA ARG B 224 6.26 -1.65 34.00
C ARG B 224 5.44 -0.69 34.86
N ALA B 225 4.18 -0.47 34.51
CA ALA B 225 3.27 0.28 35.35
C ALA B 225 2.47 -0.62 36.30
N GLY B 226 2.77 -1.91 36.32
CA GLY B 226 2.14 -2.84 37.24
C GLY B 226 0.66 -3.05 37.03
N ILE B 227 0.19 -2.80 35.82
CA ILE B 227 -1.19 -3.09 35.44
C ILE B 227 -1.20 -4.42 34.69
N THR B 228 -2.08 -5.32 35.11
CA THR B 228 -2.25 -6.60 34.44
C THR B 228 -3.31 -6.49 33.37
N MET B 229 -3.09 -7.17 32.25
CA MET B 229 -3.95 -7.07 31.08
C MET B 229 -4.40 -8.43 30.58
N GLU B 230 -4.39 -9.44 31.44
CA GLU B 230 -4.74 -10.79 31.02
C GLU B 230 -6.19 -10.84 30.53
N SER B 231 -7.06 -10.05 31.12
CA SER B 231 -8.46 -10.02 30.71
C SER B 231 -8.65 -9.38 29.35
N TYR B 232 -7.79 -8.45 28.94
CA TYR B 232 -7.89 -7.92 27.59
C TYR B 232 -7.65 -9.01 26.56
N LEU B 233 -6.66 -9.87 26.80
CA LEU B 233 -6.39 -10.97 25.88
C LEU B 233 -7.50 -12.01 25.96
N SER B 234 -7.87 -12.43 27.17
CA SER B 234 -8.77 -13.58 27.31
C SER B 234 -10.20 -13.23 26.94
N GLU B 235 -10.74 -12.11 27.42
CA GLU B 235 -12.16 -11.83 27.20
C GLU B 235 -12.41 -10.78 26.12
N SER B 236 -11.54 -9.77 25.98
CA SER B 236 -11.76 -8.80 24.92
C SER B 236 -11.33 -9.36 23.56
N LEU B 237 -10.05 -9.70 23.40
CA LEU B 237 -9.63 -10.41 22.19
C LEU B 237 -10.17 -11.83 22.13
N MET B 238 -10.94 -12.24 23.13
CA MET B 238 -11.74 -13.46 23.09
C MET B 238 -10.89 -14.72 23.08
N LEU B 239 -9.73 -14.68 23.73
CA LEU B 239 -8.80 -15.80 23.73
C LEU B 239 -9.12 -16.86 24.77
N LYS B 240 -10.06 -16.58 25.68
CA LYS B 240 -10.52 -17.56 26.65
C LYS B 240 -11.38 -18.65 26.00
N GLU B 241 -11.73 -18.48 24.71
CA GLU B 241 -12.51 -19.45 23.96
C GLU B 241 -11.64 -20.33 23.07
N ASN B 242 -10.37 -19.95 22.85
CA ASN B 242 -9.37 -20.74 22.13
C ASN B 242 -8.09 -20.69 22.97
N ARG B 243 -7.99 -21.63 23.92
CA ARG B 243 -6.92 -21.58 24.93
C ARG B 243 -5.54 -21.71 24.31
N THR B 244 -5.39 -22.58 23.31
CA THR B 244 -4.09 -22.73 22.68
C THR B 244 -3.66 -21.45 21.98
N CYS B 245 -4.61 -20.66 21.49
CA CYS B 245 -4.26 -19.36 20.92
C CYS B 245 -3.67 -18.44 21.99
N LEU B 246 -4.28 -18.42 23.18
CA LEU B 246 -3.72 -17.61 24.25
C LEU B 246 -2.34 -18.09 24.66
N SER B 247 -2.14 -19.42 24.70
CA SER B 247 -0.82 -19.95 25.02
C SER B 247 0.22 -19.53 23.99
N GLN B 248 -0.12 -19.66 22.70
CA GLN B 248 0.82 -19.28 21.64
C GLN B 248 1.15 -17.80 21.71
N LEU B 249 0.13 -16.95 21.92
CA LEU B 249 0.36 -15.52 21.98
C LEU B 249 1.23 -15.13 23.17
N LEU B 250 0.96 -15.72 24.33
CA LEU B 250 1.76 -15.44 25.52
C LEU B 250 3.20 -15.88 25.33
N ASP B 251 3.39 -17.04 24.68
CA ASP B 251 4.73 -17.53 24.40
C ASP B 251 5.46 -16.61 23.43
N ILE B 252 4.76 -16.12 22.40
CA ILE B 252 5.35 -15.19 21.45
C ILE B 252 5.83 -13.93 22.18
N MET B 253 4.99 -13.40 23.07
CA MET B 253 5.34 -12.17 23.75
C MET B 253 6.51 -12.38 24.72
N LYS B 254 6.53 -13.52 25.42
CA LYS B 254 7.65 -13.82 26.30
C LYS B 254 8.94 -13.97 25.50
N SER B 255 8.88 -14.65 24.35
CA SER B 255 10.05 -14.82 23.50
C SER B 255 10.57 -13.46 23.02
N MET B 256 9.66 -12.55 22.67
CA MET B 256 10.07 -11.21 22.26
C MET B 256 10.74 -10.47 23.40
N ARG B 257 10.15 -10.55 24.60
CA ARG B 257 10.73 -9.89 25.76
C ARG B 257 12.13 -10.42 26.05
N ASN B 258 12.35 -11.72 25.83
CA ASN B 258 13.68 -12.29 26.04
C ASN B 258 14.66 -11.90 24.93
N LEU B 259 14.20 -11.74 23.69
CA LEU B 259 15.06 -11.18 22.65
C LEU B 259 15.54 -9.79 23.05
N VAL B 260 14.65 -8.99 23.62
CA VAL B 260 15.06 -7.66 24.09
C VAL B 260 16.00 -7.80 25.28
N LYS B 261 15.75 -8.78 26.15
CA LYS B 261 16.58 -8.95 27.34
C LYS B 261 18.02 -9.34 26.98
N LYS B 262 18.19 -10.24 26.01
CA LYS B 262 19.49 -10.75 25.65
C LYS B 262 20.16 -9.94 24.54
N TYR B 263 19.66 -8.75 24.23
CA TYR B 263 20.29 -7.90 23.24
C TYR B 263 21.56 -7.27 23.79
N GLU B 264 22.59 -7.23 22.96
CA GLU B 264 23.90 -6.70 23.35
C GLU B 264 24.30 -5.61 22.38
N PRO B 265 24.35 -4.34 22.79
CA PRO B 265 24.70 -3.28 21.86
C PRO B 265 26.15 -3.43 21.41
N PRO B 266 26.48 -2.98 20.21
CA PRO B 266 27.87 -3.04 19.76
C PRO B 266 28.76 -2.23 20.69
N ARG B 267 29.88 -2.82 21.10
CA ARG B 267 30.81 -2.12 21.97
C ARG B 267 31.68 -1.17 21.15
N SER B 268 31.93 0.02 21.71
CA SER B 268 32.60 1.07 20.96
C SER B 268 34.03 0.70 20.59
N GLU B 269 34.76 0.04 21.51
CA GLU B 269 36.08 -0.50 21.16
C GLU B 269 35.95 -1.57 20.09
N GLU B 270 34.96 -2.46 20.25
CA GLU B 270 34.66 -3.47 19.25
C GLU B 270 34.42 -2.85 17.88
N VAL B 271 33.57 -1.82 17.82
CA VAL B 271 33.25 -1.19 16.54
C VAL B 271 34.47 -0.46 15.99
N ALA B 272 35.26 0.16 16.86
CA ALA B 272 36.46 0.87 16.41
C ALA B 272 37.41 -0.09 15.70
N VAL B 273 37.59 -1.28 16.25
CA VAL B 273 38.45 -2.28 15.60
C VAL B 273 37.78 -2.83 14.33
N LEU B 274 36.49 -3.16 14.42
CA LEU B 274 35.83 -3.80 13.30
C LEU B 274 35.71 -2.87 12.11
N LYS B 275 35.61 -1.56 12.34
CA LYS B 275 35.57 -0.61 11.24
C LYS B 275 36.89 -0.53 10.52
N GLN B 276 38.01 -0.60 11.26
CA GLN B 276 39.30 -0.68 10.60
C GLN B 276 39.38 -1.94 9.76
N LYS B 277 38.88 -3.06 10.28
CA LYS B 277 38.88 -4.28 9.48
C LYS B 277 38.02 -4.14 8.23
N LEU B 278 36.86 -3.48 8.36
CA LEU B 278 35.95 -3.31 7.24
C LEU B 278 36.55 -2.42 6.15
N GLU B 279 37.12 -1.28 6.55
CA GLU B 279 37.76 -0.41 5.58
C GLU B 279 39.00 -1.06 4.97
N ARG B 280 39.68 -1.94 5.72
CA ARG B 280 40.73 -2.75 5.11
C ARG B 280 40.16 -3.68 4.06
N CYS B 281 39.00 -4.30 4.34
CA CYS B 281 38.36 -5.18 3.36
C CYS B 281 37.98 -4.43 2.10
N HIS B 282 37.49 -3.20 2.23
CA HIS B 282 36.99 -2.45 1.09
C HIS B 282 38.06 -1.69 0.34
N SER B 283 39.18 -1.32 0.99
CA SER B 283 40.29 -0.74 0.26
C SER B 283 40.93 -1.77 -0.64
N ALA B 284 41.08 -3.00 -0.15
CA ALA B 284 41.57 -4.10 -0.97
C ALA B 284 40.43 -4.66 -1.82
N GLU B 285 40.67 -5.83 -2.41
CA GLU B 285 39.69 -6.56 -3.22
C GLU B 285 39.25 -5.75 -4.43
N LYS C 13 17.43 -11.14 -20.79
CA LYS C 13 16.84 -12.01 -19.78
C LYS C 13 16.25 -13.27 -20.41
N ARG C 14 15.22 -13.82 -19.77
CA ARG C 14 14.54 -15.02 -20.23
C ARG C 14 13.30 -14.72 -21.06
N TYR C 15 13.15 -13.47 -21.50
CA TYR C 15 11.96 -13.03 -22.23
C TYR C 15 12.42 -12.49 -23.58
N GLU C 16 11.92 -13.09 -24.67
CA GLU C 16 12.30 -12.66 -26.00
C GLU C 16 11.23 -11.75 -26.58
N LYS C 17 11.65 -10.60 -27.10
CA LYS C 17 10.73 -9.61 -27.65
C LYS C 17 9.99 -10.16 -28.86
N LEU C 18 8.72 -9.79 -29.00
CA LEU C 18 7.92 -10.26 -30.12
C LEU C 18 7.23 -9.11 -30.87
N ASP C 19 6.79 -8.08 -30.14
CA ASP C 19 6.04 -6.99 -30.73
C ASP C 19 6.19 -5.75 -29.87
N PHE C 20 6.06 -4.58 -30.49
CA PHE C 20 5.93 -3.33 -29.75
C PHE C 20 4.45 -3.06 -29.52
N LEU C 21 4.08 -2.88 -28.25
CA LEU C 21 2.68 -2.70 -27.88
C LEU C 21 2.29 -1.26 -27.69
N GLY C 22 3.12 -0.44 -27.05
CA GLY C 22 2.75 0.95 -26.86
C GLY C 22 3.90 1.74 -26.29
N GLU C 23 3.72 3.05 -26.29
CA GLU C 23 4.68 4.00 -25.72
C GLU C 23 3.91 4.96 -24.84
N GLY C 24 4.05 4.83 -23.53
CA GLY C 24 3.69 5.86 -22.60
C GLY C 24 4.93 6.64 -22.21
N GLN C 25 4.71 7.87 -21.74
CA GLN C 25 5.83 8.77 -21.50
C GLN C 25 6.79 8.26 -20.44
N PHE C 26 6.37 7.29 -19.63
CA PHE C 26 7.29 6.71 -18.66
C PHE C 26 7.77 5.32 -19.05
N ALA C 27 7.20 4.69 -20.08
CA ALA C 27 7.63 3.33 -20.36
C ALA C 27 7.20 2.88 -21.74
N THR C 28 7.96 1.95 -22.30
CA THR C 28 7.62 1.28 -23.54
C THR C 28 7.15 -0.14 -23.24
N VAL C 29 6.00 -0.51 -23.81
CA VAL C 29 5.40 -1.80 -23.56
C VAL C 29 5.55 -2.66 -24.81
N TYR C 30 6.05 -3.87 -24.63
CA TYR C 30 6.25 -4.77 -25.75
C TYR C 30 5.88 -6.20 -25.37
N LYS C 31 5.27 -6.89 -26.32
CA LYS C 31 4.96 -8.31 -26.14
C LYS C 31 6.24 -9.12 -26.06
N ALA C 32 6.23 -10.19 -25.28
CA ALA C 32 7.41 -11.01 -25.10
C ALA C 32 7.01 -12.44 -24.76
N ARG C 33 7.98 -13.34 -24.93
CA ARG C 33 7.77 -14.77 -24.75
C ARG C 33 8.85 -15.40 -23.87
N ILE C 40 3.10 -15.99 -23.09
CA ILE C 40 3.10 -14.62 -23.58
C ILE C 40 2.89 -13.66 -22.42
N VAL C 41 3.78 -12.67 -22.33
CA VAL C 41 3.70 -11.65 -21.30
C VAL C 41 3.89 -10.29 -21.97
N ALA C 42 3.55 -9.25 -21.23
CA ALA C 42 3.84 -7.89 -21.65
C ALA C 42 4.94 -7.33 -20.75
N ILE C 43 5.99 -6.81 -21.36
CA ILE C 43 7.09 -6.20 -20.63
C ILE C 43 6.99 -4.69 -20.76
N LYS C 44 6.97 -4.02 -19.61
CA LYS C 44 6.98 -2.57 -19.54
C LYS C 44 8.36 -2.12 -19.12
N LYS C 45 9.08 -1.47 -20.02
CA LYS C 45 10.44 -1.03 -19.76
C LYS C 45 10.50 0.47 -19.54
N LYS C 55 19.21 11.80 -12.33
CA LYS C 55 19.73 12.05 -11.00
C LYS C 55 18.66 11.74 -9.96
N ASP C 56 17.45 11.45 -10.43
CA ASP C 56 16.37 11.07 -9.53
C ASP C 56 16.35 9.59 -9.21
N GLY C 57 17.14 8.78 -9.92
CA GLY C 57 17.13 7.35 -9.69
C GLY C 57 15.95 6.66 -10.37
N ILE C 58 15.66 5.44 -9.90
CA ILE C 58 14.61 4.65 -10.50
C ILE C 58 13.28 5.39 -10.43
N ASN C 59 12.50 5.28 -11.50
CA ASN C 59 11.29 6.08 -11.68
C ASN C 59 10.22 5.70 -10.67
N ARG C 60 9.56 6.70 -10.09
CA ARG C 60 8.61 6.46 -9.01
C ARG C 60 7.32 5.83 -9.49
N THR C 61 6.94 6.03 -10.75
CA THR C 61 5.76 5.35 -11.27
C THR C 61 5.98 3.85 -11.35
N ALA C 62 7.15 3.43 -11.84
CA ALA C 62 7.50 2.02 -11.85
C ALA C 62 7.59 1.46 -10.43
N LEU C 63 8.19 2.24 -9.51
CA LEU C 63 8.28 1.78 -8.12
C LEU C 63 6.91 1.65 -7.48
N ARG C 64 6.01 2.59 -7.78
CA ARG C 64 4.64 2.51 -7.31
C ARG C 64 3.96 1.24 -7.82
N GLU C 65 4.10 0.98 -9.12
CA GLU C 65 3.52 -0.22 -9.69
C GLU C 65 4.06 -1.48 -9.01
N ILE C 66 5.37 -1.56 -8.85
CA ILE C 66 5.98 -2.72 -8.20
C ILE C 66 5.45 -2.87 -6.78
N LYS C 67 5.60 -1.81 -5.96
CA LYS C 67 5.30 -1.91 -4.54
C LYS C 67 3.83 -2.26 -4.31
N LEU C 68 2.93 -1.75 -5.16
CA LEU C 68 1.52 -2.04 -4.93
C LEU C 68 1.14 -3.41 -5.47
N LEU C 69 1.53 -3.73 -6.70
CA LEU C 69 1.10 -4.98 -7.30
C LEU C 69 1.76 -6.19 -6.66
N GLN C 70 2.90 -6.02 -5.98
CA GLN C 70 3.47 -7.15 -5.26
C GLN C 70 2.59 -7.56 -4.08
N GLU C 71 1.85 -6.63 -3.50
CA GLU C 71 1.02 -6.89 -2.34
C GLU C 71 -0.41 -7.28 -2.69
N LEU C 72 -0.73 -7.40 -3.97
CA LEU C 72 -2.10 -7.64 -4.42
C LEU C 72 -2.17 -8.89 -5.29
N SER C 73 -3.22 -9.66 -5.09
CA SER C 73 -3.46 -10.86 -5.88
C SER C 73 -4.97 -11.05 -5.99
N HIS C 74 -5.52 -10.85 -7.18
CA HIS C 74 -6.95 -10.98 -7.43
C HIS C 74 -7.16 -11.21 -8.92
N PRO C 75 -8.17 -11.99 -9.34
CA PRO C 75 -8.34 -12.24 -10.77
C PRO C 75 -8.61 -10.99 -11.60
N ASN C 76 -9.19 -9.93 -11.02
CA ASN C 76 -9.53 -8.73 -11.75
C ASN C 76 -8.55 -7.59 -11.49
N ILE C 77 -7.33 -7.91 -11.11
CA ILE C 77 -6.25 -6.95 -11.00
C ILE C 77 -5.07 -7.51 -11.77
N ILE C 78 -4.42 -6.65 -12.56
CA ILE C 78 -3.32 -7.10 -13.42
C ILE C 78 -2.21 -7.68 -12.57
N GLY C 79 -1.71 -8.85 -12.97
CA GLY C 79 -0.70 -9.54 -12.21
C GLY C 79 0.70 -9.16 -12.63
N LEU C 80 1.50 -8.73 -11.64
CA LEU C 80 2.92 -8.51 -11.86
C LEU C 80 3.63 -9.86 -11.72
N LEU C 81 4.28 -10.30 -12.79
CA LEU C 81 4.90 -11.62 -12.81
C LEU C 81 6.37 -11.60 -12.42
N ASP C 82 7.07 -10.51 -12.69
CA ASP C 82 8.49 -10.41 -12.36
C ASP C 82 8.91 -8.95 -12.55
N ALA C 83 10.06 -8.60 -11.99
CA ALA C 83 10.70 -7.34 -12.28
C ALA C 83 12.21 -7.55 -12.35
N PHE C 84 12.86 -6.89 -13.31
CA PHE C 84 14.32 -6.95 -13.37
C PHE C 84 14.80 -5.66 -14.02
N GLY C 85 16.07 -5.62 -14.39
CA GLY C 85 16.57 -4.48 -15.13
C GLY C 85 18.06 -4.32 -15.03
N HIS C 86 18.52 -3.10 -15.31
CA HIS C 86 19.93 -2.73 -15.28
C HIS C 86 20.06 -1.27 -14.91
N LYS C 87 21.10 -0.95 -14.14
CA LYS C 87 21.45 0.42 -13.72
C LYS C 87 20.21 1.11 -13.17
N SER C 88 19.94 2.37 -13.54
CA SER C 88 18.79 3.11 -13.06
C SER C 88 17.57 2.94 -13.96
N ASN C 89 17.57 1.89 -14.80
CA ASN C 89 16.42 1.47 -15.57
C ASN C 89 15.81 0.23 -14.91
N ILE C 90 14.62 -0.15 -15.39
CA ILE C 90 13.88 -1.24 -14.78
C ILE C 90 12.79 -1.68 -15.77
N SER C 91 12.49 -2.97 -15.77
CA SER C 91 11.42 -3.55 -16.57
C SER C 91 10.53 -4.42 -15.70
N LEU C 92 9.24 -4.41 -16.02
CA LEU C 92 8.20 -5.11 -15.28
C LEU C 92 7.51 -6.11 -16.21
N VAL C 93 7.26 -7.30 -15.71
CA VAL C 93 6.59 -8.36 -16.46
C VAL C 93 5.15 -8.44 -15.99
N PHE C 94 4.21 -8.45 -16.93
CA PHE C 94 2.79 -8.50 -16.65
C PHE C 94 2.17 -9.60 -17.49
N ASP C 95 1.02 -10.09 -17.05
CA ASP C 95 0.19 -10.90 -17.93
C ASP C 95 -0.16 -10.10 -19.17
N PHE C 96 -0.15 -10.77 -20.32
CA PHE C 96 -0.48 -10.11 -21.58
C PHE C 96 -1.99 -9.98 -21.72
N MET C 97 -2.44 -8.77 -22.09
CA MET C 97 -3.84 -8.45 -22.23
C MET C 97 -4.18 -8.20 -23.68
N GLU C 98 -5.32 -8.74 -24.12
CA GLU C 98 -5.68 -8.72 -25.54
C GLU C 98 -6.16 -7.35 -26.00
N THR C 99 -6.98 -6.68 -25.20
CA THR C 99 -7.62 -5.43 -25.62
C THR C 99 -8.02 -4.68 -24.35
N ASP C 100 -8.71 -3.56 -24.51
CA ASP C 100 -9.21 -2.81 -23.36
C ASP C 100 -10.64 -2.38 -23.63
N LEU C 101 -11.24 -1.74 -22.62
CA LEU C 101 -12.63 -1.35 -22.74
C LEU C 101 -12.82 -0.21 -23.74
N GLU C 102 -11.81 0.65 -23.90
CA GLU C 102 -11.93 1.75 -24.85
C GLU C 102 -12.09 1.24 -26.28
N VAL C 103 -11.31 0.23 -26.65
CA VAL C 103 -11.42 -0.35 -27.98
C VAL C 103 -12.79 -0.99 -28.16
N ILE C 104 -13.30 -1.64 -27.12
CA ILE C 104 -14.64 -2.23 -27.17
C ILE C 104 -15.68 -1.15 -27.40
N ILE C 105 -15.59 -0.06 -26.62
CA ILE C 105 -16.58 1.01 -26.70
C ILE C 105 -16.57 1.65 -28.09
N LYS C 106 -15.38 1.91 -28.62
CA LYS C 106 -15.27 2.62 -29.89
C LYS C 106 -15.48 1.73 -31.11
N ASP C 107 -15.58 0.41 -30.95
CA ASP C 107 -15.79 -0.49 -32.08
C ASP C 107 -17.27 -0.48 -32.44
N ASN C 108 -17.58 0.10 -33.60
CA ASN C 108 -18.96 0.18 -34.06
C ASN C 108 -19.57 -1.18 -34.34
N SER C 109 -18.75 -2.17 -34.64
CA SER C 109 -19.24 -3.48 -35.03
C SER C 109 -19.55 -4.39 -33.84
N LEU C 110 -19.30 -3.93 -32.62
CA LEU C 110 -19.65 -4.71 -31.43
C LEU C 110 -20.93 -4.18 -30.81
N VAL C 111 -21.93 -5.04 -30.69
CA VAL C 111 -23.14 -4.69 -29.96
C VAL C 111 -22.92 -4.99 -28.49
N LEU C 112 -23.21 -4.01 -27.63
CA LEU C 112 -23.00 -4.12 -26.20
C LEU C 112 -24.33 -4.38 -25.52
N THR C 113 -24.69 -5.66 -25.44
CA THR C 113 -25.93 -6.07 -24.82
C THR C 113 -25.89 -5.76 -23.32
N PRO C 114 -27.06 -5.65 -22.67
CA PRO C 114 -27.05 -5.39 -21.21
C PRO C 114 -26.26 -6.42 -20.42
N SER C 115 -26.24 -7.68 -20.89
CA SER C 115 -25.44 -8.69 -20.22
C SER C 115 -23.95 -8.40 -20.32
N HIS C 116 -23.49 -7.93 -21.49
CA HIS C 116 -22.08 -7.55 -21.63
C HIS C 116 -21.72 -6.43 -20.67
N ILE C 117 -22.57 -5.41 -20.60
CA ILE C 117 -22.32 -4.29 -19.69
C ILE C 117 -22.32 -4.79 -18.26
N LYS C 118 -23.24 -5.68 -17.92
CA LYS C 118 -23.27 -6.23 -16.57
C LYS C 118 -21.97 -6.97 -16.26
N ALA C 119 -21.48 -7.76 -17.21
CA ALA C 119 -20.25 -8.51 -17.00
C ALA C 119 -19.06 -7.58 -16.77
N TYR C 120 -18.91 -6.57 -17.64
CA TYR C 120 -17.81 -5.63 -17.49
C TYR C 120 -17.88 -4.90 -16.16
N MET C 121 -19.08 -4.42 -15.78
CA MET C 121 -19.23 -3.72 -14.51
C MET C 121 -18.94 -4.64 -13.33
N LEU C 122 -19.40 -5.89 -13.41
CA LEU C 122 -19.18 -6.83 -12.32
C LEU C 122 -17.69 -7.07 -12.10
N MET C 123 -16.94 -7.31 -13.19
CA MET C 123 -15.51 -7.55 -13.04
C MET C 123 -14.80 -6.29 -12.52
N THR C 124 -15.15 -5.12 -13.07
CA THR C 124 -14.53 -3.89 -12.58
C THR C 124 -14.78 -3.70 -11.10
N LEU C 125 -16.02 -3.96 -10.66
CA LEU C 125 -16.37 -3.72 -9.27
C LEU C 125 -15.75 -4.75 -8.33
N GLN C 126 -15.60 -6.00 -8.78
CA GLN C 126 -14.96 -7.00 -7.93
C GLN C 126 -13.48 -6.69 -7.75
N GLY C 127 -12.79 -6.35 -8.85
CA GLY C 127 -11.42 -5.89 -8.73
C GLY C 127 -11.31 -4.68 -7.82
N LEU C 128 -12.23 -3.73 -7.95
CA LEU C 128 -12.19 -2.51 -7.15
C LEU C 128 -12.51 -2.79 -5.68
N GLU C 129 -13.44 -3.71 -5.41
CA GLU C 129 -13.75 -4.09 -4.05
C GLU C 129 -12.51 -4.68 -3.38
N TYR C 130 -11.85 -5.60 -4.08
CA TYR C 130 -10.61 -6.17 -3.53
C TYR C 130 -9.57 -5.08 -3.29
N LEU C 131 -9.41 -4.18 -4.27
CA LEU C 131 -8.43 -3.11 -4.11
C LEU C 131 -8.76 -2.22 -2.91
N HIS C 132 -10.04 -1.91 -2.72
CA HIS C 132 -10.43 -1.01 -1.66
C HIS C 132 -10.32 -1.64 -0.27
N GLN C 133 -10.59 -2.95 -0.15
CA GLN C 133 -10.39 -3.59 1.15
C GLN C 133 -8.94 -3.51 1.61
N HIS C 134 -8.02 -3.57 0.65
CA HIS C 134 -6.60 -3.41 0.95
C HIS C 134 -6.18 -1.95 0.95
N TRP C 135 -7.14 -1.03 1.10
CA TRP C 135 -6.88 0.38 1.38
C TRP C 135 -6.01 1.03 0.31
N ILE C 136 -6.31 0.73 -0.96
CA ILE C 136 -5.65 1.34 -2.11
C ILE C 136 -6.72 1.89 -3.05
N LEU C 137 -6.50 3.12 -3.53
CA LEU C 137 -7.31 3.73 -4.58
C LEU C 137 -6.57 3.65 -5.90
N HIS C 138 -7.29 3.26 -6.97
CA HIS C 138 -6.67 3.19 -8.29
C HIS C 138 -6.34 4.59 -8.81
N ARG C 139 -7.31 5.50 -8.78
CA ARG C 139 -7.15 6.92 -9.13
C ARG C 139 -6.83 7.15 -10.61
N ASP C 140 -6.94 6.13 -11.45
CA ASP C 140 -6.74 6.34 -12.88
C ASP C 140 -7.73 5.49 -13.68
N LEU C 141 -8.93 5.31 -13.13
CA LEU C 141 -9.91 4.47 -13.80
C LEU C 141 -10.43 5.16 -15.05
N LYS C 142 -10.34 4.45 -16.17
CA LYS C 142 -10.89 4.87 -17.45
C LYS C 142 -10.93 3.65 -18.36
N PRO C 143 -11.70 3.69 -19.45
CA PRO C 143 -11.87 2.48 -20.27
C PRO C 143 -10.57 1.85 -20.75
N ASN C 144 -9.56 2.63 -21.12
CA ASN C 144 -8.35 2.00 -21.61
C ASN C 144 -7.44 1.48 -20.51
N ASN C 145 -7.77 1.71 -19.25
CA ASN C 145 -7.09 1.08 -18.12
C ASN C 145 -7.80 -0.17 -17.64
N LEU C 146 -8.94 -0.52 -18.24
CA LEU C 146 -9.64 -1.76 -17.92
C LEU C 146 -9.32 -2.75 -19.03
N LEU C 147 -8.26 -3.53 -18.84
CA LEU C 147 -7.77 -4.38 -19.91
C LEU C 147 -8.51 -5.70 -19.91
N LEU C 148 -8.56 -6.33 -21.08
CA LEU C 148 -9.25 -7.60 -21.28
C LEU C 148 -8.26 -8.61 -21.84
N ASP C 149 -8.33 -9.85 -21.36
CA ASP C 149 -7.50 -10.91 -21.90
C ASP C 149 -8.31 -11.77 -22.86
N GLU C 150 -7.64 -12.78 -23.43
CA GLU C 150 -8.31 -13.64 -24.40
C GLU C 150 -9.42 -14.47 -23.78
N ASN C 151 -9.41 -14.63 -22.46
CA ASN C 151 -10.45 -15.37 -21.76
C ASN C 151 -11.62 -14.50 -21.34
N GLY C 152 -11.62 -13.23 -21.70
CA GLY C 152 -12.70 -12.33 -21.32
C GLY C 152 -12.63 -11.84 -19.90
N VAL C 153 -11.49 -11.98 -19.25
CA VAL C 153 -11.33 -11.55 -17.86
C VAL C 153 -10.83 -10.11 -17.86
N LEU C 154 -11.58 -9.23 -17.21
CA LEU C 154 -11.21 -7.83 -17.12
C LEU C 154 -10.31 -7.63 -15.93
N LYS C 155 -9.25 -6.86 -16.13
CA LYS C 155 -8.28 -6.57 -15.08
C LYS C 155 -8.01 -5.08 -15.03
N LEU C 156 -7.99 -4.53 -13.82
CA LEU C 156 -7.53 -3.17 -13.63
C LEU C 156 -6.03 -3.12 -13.89
N ALA C 157 -5.58 -2.10 -14.60
CA ALA C 157 -4.18 -1.96 -14.93
C ALA C 157 -3.75 -0.51 -14.73
N ASP C 158 -2.46 -0.25 -14.98
CA ASP C 158 -1.86 1.06 -14.87
C ASP C 158 -1.97 1.65 -13.46
N PHE C 159 -1.26 1.04 -12.51
CA PHE C 159 -1.27 1.47 -11.12
C PHE C 159 -0.25 2.57 -10.83
N GLY C 160 0.15 3.35 -11.83
CA GLY C 160 1.13 4.39 -11.63
C GLY C 160 0.61 5.58 -10.84
N LEU C 161 -0.70 5.73 -10.72
CA LEU C 161 -1.29 6.77 -9.90
C LEU C 161 -1.92 6.22 -8.62
N ALA C 162 -1.95 4.90 -8.46
CA ALA C 162 -2.62 4.29 -7.32
C ALA C 162 -1.91 4.65 -6.01
N LYS C 163 -2.70 4.77 -4.95
CA LYS C 163 -2.17 5.20 -3.67
C LYS C 163 -3.01 4.61 -2.55
N SER C 164 -2.36 4.28 -1.45
CA SER C 164 -3.07 3.82 -0.26
C SER C 164 -3.86 4.96 0.35
N PHE C 165 -4.98 4.63 0.99
CA PHE C 165 -5.83 5.63 1.61
C PHE C 165 -6.28 5.15 2.98
N GLY C 166 -6.90 6.05 3.73
CA GLY C 166 -7.30 5.78 5.10
C GLY C 166 -6.34 6.29 6.14
N SER C 167 -5.41 7.16 5.77
CA SER C 167 -4.41 7.70 6.69
C SER C 167 -4.54 9.21 6.77
N PRO C 168 -4.83 9.79 7.94
CA PRO C 168 -4.86 11.26 8.04
C PRO C 168 -3.51 11.90 7.88
N ASN C 169 -2.41 11.15 8.06
CA ASN C 169 -1.06 11.67 7.88
C ASN C 169 -0.70 11.90 6.41
N ARG C 170 -1.47 11.37 5.48
CA ARG C 170 -1.18 11.48 4.05
C ARG C 170 -2.14 12.49 3.44
N ALA C 171 -1.59 13.45 2.71
CA ALA C 171 -2.37 14.36 1.90
C ALA C 171 -2.02 14.17 0.42
N TYR C 172 -3.04 14.06 -0.41
CA TYR C 172 -2.86 13.74 -1.83
C TYR C 172 -3.15 14.95 -2.71
N THR C 173 -2.95 14.74 -4.01
CA THR C 173 -3.21 15.76 -5.01
C THR C 173 -4.59 15.56 -5.62
N HIS C 174 -5.16 16.66 -6.11
CA HIS C 174 -6.52 16.64 -6.67
C HIS C 174 -6.56 16.46 -8.17
N GLN C 175 -5.47 16.76 -8.88
CA GLN C 175 -5.46 16.67 -10.34
C GLN C 175 -5.46 15.22 -10.85
N VAL C 176 -5.55 14.23 -9.95
CA VAL C 176 -5.55 12.83 -10.35
C VAL C 176 -6.83 12.50 -11.11
N VAL C 177 -6.81 11.36 -11.81
CA VAL C 177 -7.90 10.86 -12.64
C VAL C 177 -8.03 11.73 -13.89
N THR C 178 -8.09 11.09 -15.05
CA THR C 178 -8.31 11.81 -16.31
C THR C 178 -9.59 12.62 -16.21
N ARG C 179 -9.58 13.82 -16.81
CA ARG C 179 -10.61 14.83 -16.60
C ARG C 179 -12.03 14.32 -16.79
N TRP C 180 -12.27 13.59 -17.89
CA TRP C 180 -13.62 13.14 -18.21
C TRP C 180 -14.19 12.20 -17.15
N TYR C 181 -13.32 11.62 -16.33
CA TYR C 181 -13.73 10.66 -15.32
C TYR C 181 -13.47 11.18 -13.92
N ARG C 182 -13.08 12.44 -13.79
CA ARG C 182 -12.72 13.02 -12.51
C ARG C 182 -13.97 13.41 -11.74
N ALA C 183 -14.02 12.98 -10.48
CA ALA C 183 -15.18 13.24 -9.63
C ALA C 183 -15.26 14.72 -9.26
N PRO C 184 -16.46 15.24 -8.99
CA PRO C 184 -16.59 16.66 -8.67
C PRO C 184 -15.80 17.09 -7.44
N GLU C 185 -15.65 16.22 -6.45
CA GLU C 185 -14.84 16.60 -5.29
C GLU C 185 -13.37 16.77 -5.66
N LEU C 186 -12.89 15.99 -6.63
CA LEU C 186 -11.54 16.23 -7.15
C LEU C 186 -11.46 17.53 -7.94
N LEU C 187 -12.48 17.82 -8.75
CA LEU C 187 -12.49 19.06 -9.51
C LEU C 187 -12.61 20.27 -8.59
N PHE C 188 -13.36 20.12 -7.49
CA PHE C 188 -13.38 21.14 -6.45
C PHE C 188 -12.11 21.13 -5.61
N GLY C 189 -11.20 20.19 -5.85
CA GLY C 189 -9.90 20.23 -5.23
C GLY C 189 -9.78 19.51 -3.90
N ALA C 190 -10.46 18.38 -3.73
CA ALA C 190 -10.34 17.62 -2.50
C ALA C 190 -8.91 17.10 -2.33
N ARG C 191 -8.26 17.51 -1.25
CA ARG C 191 -6.97 16.92 -0.88
C ARG C 191 -7.12 15.63 -0.08
N MET C 192 -8.32 15.35 0.42
CA MET C 192 -8.59 14.16 1.20
C MET C 192 -9.84 13.50 0.64
N TYR C 193 -9.72 12.23 0.27
CA TYR C 193 -10.84 11.55 -0.36
C TYR C 193 -10.69 10.05 -0.17
N GLY C 194 -11.78 9.34 -0.43
CA GLY C 194 -11.84 7.90 -0.31
C GLY C 194 -12.19 7.27 -1.64
N VAL C 195 -12.94 6.16 -1.54
CA VAL C 195 -13.24 5.33 -2.70
C VAL C 195 -14.14 6.02 -3.72
N GLY C 196 -14.75 7.15 -3.36
CA GLY C 196 -15.63 7.85 -4.29
C GLY C 196 -14.93 8.23 -5.58
N VAL C 197 -13.66 8.66 -5.49
CA VAL C 197 -12.92 9.03 -6.69
C VAL C 197 -12.84 7.87 -7.66
N ASP C 198 -12.84 6.64 -7.16
CA ASP C 198 -12.91 5.50 -8.06
C ASP C 198 -14.34 5.28 -8.55
N MET C 199 -15.31 5.31 -7.62
CA MET C 199 -16.68 4.95 -7.98
C MET C 199 -17.25 5.91 -9.02
N TRP C 200 -17.01 7.21 -8.86
CA TRP C 200 -17.45 8.17 -9.87
C TRP C 200 -16.91 7.79 -11.25
N ALA C 201 -15.61 7.48 -11.32
CA ALA C 201 -15.04 7.06 -12.59
C ALA C 201 -15.75 5.82 -13.11
N VAL C 202 -16.05 4.89 -12.20
CA VAL C 202 -16.83 3.71 -12.56
C VAL C 202 -18.14 4.13 -13.22
N GLY C 203 -18.84 5.07 -12.60
CA GLY C 203 -20.08 5.55 -13.19
C GLY C 203 -19.85 6.09 -14.58
N CYS C 204 -18.82 6.94 -14.75
CA CYS C 204 -18.53 7.46 -16.07
C CYS C 204 -18.28 6.34 -17.05
N ILE C 205 -17.50 5.33 -16.63
CA ILE C 205 -17.23 4.20 -17.52
C ILE C 205 -18.54 3.52 -17.87
N LEU C 206 -19.40 3.30 -16.88
CA LEU C 206 -20.69 2.70 -17.14
C LEU C 206 -21.48 3.53 -18.15
N ALA C 207 -21.50 4.85 -17.95
CA ALA C 207 -22.20 5.71 -18.90
C ALA C 207 -21.58 5.59 -20.28
N GLU C 208 -20.24 5.54 -20.35
CA GLU C 208 -19.59 5.40 -21.65
C GLU C 208 -19.94 4.07 -22.29
N LEU C 209 -20.17 3.04 -21.48
CA LEU C 209 -20.59 1.76 -22.06
C LEU C 209 -21.99 1.85 -22.62
N LEU C 210 -22.84 2.68 -21.99
CA LEU C 210 -24.23 2.77 -22.43
C LEU C 210 -24.36 3.68 -23.65
N LEU C 211 -23.62 4.79 -23.66
CA LEU C 211 -23.76 5.80 -24.71
C LEU C 211 -22.77 5.60 -25.85
N ARG C 212 -21.71 4.82 -25.63
CA ARG C 212 -20.61 4.58 -26.57
C ARG C 212 -19.79 5.82 -26.87
N VAL C 213 -20.05 6.93 -26.18
CA VAL C 213 -19.27 8.16 -26.30
C VAL C 213 -18.94 8.59 -24.88
N PRO C 214 -17.87 9.35 -24.67
CA PRO C 214 -17.58 9.83 -23.30
C PRO C 214 -18.76 10.61 -22.74
N PHE C 215 -19.14 10.26 -21.51
CA PHE C 215 -20.32 10.83 -20.91
C PHE C 215 -20.18 12.34 -20.71
N LEU C 216 -19.05 12.78 -20.17
CA LEU C 216 -18.85 14.17 -19.75
C LEU C 216 -17.53 14.68 -20.30
N PRO C 217 -17.47 15.00 -21.60
CA PRO C 217 -16.17 15.35 -22.24
C PRO C 217 -15.80 16.81 -22.07
N GLY C 218 -15.35 17.19 -20.88
CA GLY C 218 -14.93 18.56 -20.66
C GLY C 218 -13.53 18.81 -21.19
N ASP C 219 -13.34 20.00 -21.77
CA ASP C 219 -12.05 20.41 -22.28
C ASP C 219 -11.24 21.21 -21.26
N SER C 220 -11.80 21.46 -20.08
CA SER C 220 -11.09 22.09 -18.97
C SER C 220 -11.79 21.66 -17.70
N ASP C 221 -11.13 21.89 -16.56
CA ASP C 221 -11.74 21.50 -15.28
C ASP C 221 -13.04 22.26 -15.04
N LEU C 222 -13.03 23.57 -15.30
CA LEU C 222 -14.25 24.36 -15.15
C LEU C 222 -15.33 23.84 -16.09
N ASP C 223 -14.95 23.53 -17.33
CA ASP C 223 -15.90 22.96 -18.28
C ASP C 223 -16.32 21.54 -17.89
N GLN C 224 -15.44 20.79 -17.23
CA GLN C 224 -15.84 19.48 -16.70
C GLN C 224 -16.96 19.65 -15.68
N LEU C 225 -16.77 20.56 -14.72
CA LEU C 225 -17.82 20.81 -13.73
C LEU C 225 -19.09 21.31 -14.39
N THR C 226 -18.95 22.14 -15.42
CA THR C 226 -20.12 22.64 -16.14
C THR C 226 -20.93 21.50 -16.75
N ARG C 227 -20.24 20.58 -17.44
CA ARG C 227 -20.96 19.47 -18.05
C ARG C 227 -21.59 18.57 -16.98
N ILE C 228 -20.88 18.35 -15.88
CA ILE C 228 -21.44 17.53 -14.80
C ILE C 228 -22.74 18.15 -14.28
N PHE C 229 -22.73 19.46 -14.04
CA PHE C 229 -23.91 20.10 -13.47
C PHE C 229 -25.03 20.26 -14.49
N GLU C 230 -24.68 20.45 -15.76
CA GLU C 230 -25.70 20.52 -16.80
C GLU C 230 -26.43 19.19 -16.94
N THR C 231 -25.70 18.08 -16.86
CA THR C 231 -26.33 16.78 -17.01
C THR C 231 -27.04 16.33 -15.73
N LEU C 232 -26.32 16.29 -14.62
CA LEU C 232 -26.81 15.69 -13.39
C LEU C 232 -27.43 16.70 -12.43
N GLY C 233 -27.40 17.97 -12.75
CA GLY C 233 -27.94 19.00 -11.89
C GLY C 233 -26.88 19.60 -10.98
N THR C 234 -27.06 20.88 -10.65
CA THR C 234 -26.17 21.52 -9.69
C THR C 234 -26.51 21.04 -8.28
N PRO C 235 -25.57 20.44 -7.56
CA PRO C 235 -25.88 19.94 -6.22
C PRO C 235 -26.11 21.09 -5.24
N THR C 236 -26.93 20.82 -4.24
CA THR C 236 -27.27 21.79 -3.21
C THR C 236 -26.57 21.42 -1.90
N GLU C 237 -26.86 22.19 -0.85
CA GLU C 237 -26.33 21.86 0.47
C GLU C 237 -26.89 20.54 0.97
N GLU C 238 -28.18 20.29 0.72
CA GLU C 238 -28.76 19.02 1.11
C GLU C 238 -28.11 17.85 0.38
N GLN C 239 -27.67 18.08 -0.86
CA GLN C 239 -27.08 17.02 -1.65
C GLN C 239 -25.65 16.72 -1.22
N TRP C 240 -24.97 17.68 -0.61
CA TRP C 240 -23.54 17.67 -0.38
C TRP C 240 -23.23 18.73 0.69
N PRO C 241 -23.44 18.40 1.97
CA PRO C 241 -23.46 19.46 3.01
C PRO C 241 -22.21 20.33 3.09
N ASP C 242 -21.03 19.75 2.94
CA ASP C 242 -19.80 20.51 3.09
C ASP C 242 -19.19 20.91 1.76
N MET C 243 -19.98 20.87 0.67
CA MET C 243 -19.53 21.22 -0.67
C MET C 243 -18.66 22.48 -0.69
N CYS C 244 -19.11 23.53 -0.02
CA CYS C 244 -18.46 24.83 -0.08
C CYS C 244 -17.14 24.87 0.68
N SER C 245 -16.83 23.84 1.47
CA SER C 245 -15.59 23.81 2.22
C SER C 245 -14.39 23.37 1.39
N LEU C 246 -14.61 22.80 0.21
CA LEU C 246 -13.49 22.39 -0.63
C LEU C 246 -12.72 23.61 -1.14
N PRO C 247 -11.39 23.59 -1.12
CA PRO C 247 -10.63 24.83 -1.35
C PRO C 247 -10.88 25.49 -2.70
N ASP C 248 -11.08 24.71 -3.76
CA ASP C 248 -11.29 25.28 -5.09
C ASP C 248 -12.76 25.22 -5.50
N TYR C 249 -13.67 25.20 -4.52
CA TYR C 249 -15.08 25.28 -4.83
C TYR C 249 -15.41 26.63 -5.44
N VAL C 250 -16.36 26.62 -6.38
CA VAL C 250 -16.86 27.83 -7.00
C VAL C 250 -18.28 27.54 -7.49
N THR C 251 -19.14 28.55 -7.39
CA THR C 251 -20.57 28.36 -7.59
C THR C 251 -20.92 28.39 -9.07
N PHE C 252 -21.91 27.59 -9.43
CA PHE C 252 -22.40 27.51 -10.80
C PHE C 252 -23.87 27.88 -10.84
N LYS C 253 -24.37 28.13 -12.05
CA LYS C 253 -25.79 28.39 -12.24
C LYS C 253 -26.59 27.15 -11.88
N SER C 254 -27.80 27.33 -11.35
CA SER C 254 -28.63 26.19 -10.99
C SER C 254 -29.11 25.49 -12.26
N PHE C 255 -28.43 24.43 -12.62
CA PHE C 255 -28.90 23.60 -13.72
C PHE C 255 -29.82 22.53 -13.16
N PRO C 256 -31.05 22.40 -13.67
CA PRO C 256 -31.94 21.35 -13.14
C PRO C 256 -31.38 19.96 -13.35
N GLY C 257 -30.62 19.75 -14.41
CA GLY C 257 -30.19 18.42 -14.79
C GLY C 257 -31.22 17.69 -15.62
N ILE C 258 -30.75 16.71 -16.38
CA ILE C 258 -31.61 15.87 -17.20
C ILE C 258 -31.92 14.61 -16.41
N PRO C 259 -33.19 14.22 -16.27
CA PRO C 259 -33.51 12.97 -15.58
C PRO C 259 -32.78 11.79 -16.20
N LEU C 260 -32.25 10.89 -15.36
CA LEU C 260 -31.37 9.84 -15.84
C LEU C 260 -32.04 8.98 -16.91
N HIS C 261 -33.34 8.72 -16.78
CA HIS C 261 -34.01 7.88 -17.76
C HIS C 261 -34.16 8.56 -19.11
N HIS C 262 -34.06 9.90 -19.16
CA HIS C 262 -33.95 10.57 -20.45
C HIS C 262 -32.56 10.40 -21.05
N ILE C 263 -31.51 10.52 -20.23
CA ILE C 263 -30.15 10.31 -20.72
C ILE C 263 -29.97 8.87 -21.18
N PHE C 264 -30.34 7.91 -20.32
CA PHE C 264 -30.19 6.49 -20.59
C PHE C 264 -31.59 5.92 -20.84
N SER C 265 -32.03 5.98 -22.09
CA SER C 265 -33.43 5.70 -22.40
C SER C 265 -33.75 4.22 -22.50
N ALA C 266 -32.75 3.34 -22.59
CA ALA C 266 -33.00 1.90 -22.68
C ALA C 266 -32.63 1.15 -21.42
N ALA C 267 -32.24 1.85 -20.35
CA ALA C 267 -31.85 1.20 -19.12
C ALA C 267 -33.06 0.89 -18.26
N GLY C 268 -33.01 -0.23 -17.54
CA GLY C 268 -34.05 -0.56 -16.60
C GLY C 268 -33.91 0.24 -15.31
N ASP C 269 -34.88 0.03 -14.41
CA ASP C 269 -34.88 0.77 -13.14
C ASP C 269 -33.68 0.38 -12.27
N ASP C 270 -33.32 -0.91 -12.26
CA ASP C 270 -32.19 -1.36 -11.46
C ASP C 270 -30.89 -0.69 -11.92
N LEU C 271 -30.67 -0.64 -13.24
CA LEU C 271 -29.49 0.02 -13.77
C LEU C 271 -29.50 1.51 -13.46
N LEU C 272 -30.66 2.14 -13.54
CA LEU C 272 -30.74 3.57 -13.22
C LEU C 272 -30.45 3.83 -11.75
N ASP C 273 -30.88 2.93 -10.86
CA ASP C 273 -30.53 3.04 -9.45
C ASP C 273 -29.03 2.91 -9.25
N LEU C 274 -28.41 1.96 -9.95
CA LEU C 274 -26.95 1.83 -9.86
C LEU C 274 -26.25 3.11 -10.32
N ILE C 275 -26.68 3.64 -11.47
CA ILE C 275 -26.08 4.87 -12.00
C ILE C 275 -26.27 6.01 -11.03
N GLN C 276 -27.48 6.15 -10.49
CA GLN C 276 -27.75 7.18 -9.50
C GLN C 276 -26.81 7.05 -8.31
N GLY C 277 -26.60 5.81 -7.84
CA GLY C 277 -25.70 5.61 -6.73
C GLY C 277 -24.27 5.98 -7.05
N LEU C 278 -23.81 5.68 -8.26
CA LEU C 278 -22.43 6.00 -8.62
C LEU C 278 -22.23 7.50 -8.81
N PHE C 279 -23.28 8.24 -9.14
CA PHE C 279 -23.14 9.66 -9.44
C PHE C 279 -23.68 10.57 -8.35
N LEU C 280 -23.98 10.03 -7.17
CA LEU C 280 -24.33 10.89 -6.05
C LEU C 280 -23.21 11.90 -5.78
N PHE C 281 -23.58 13.16 -5.67
CA PHE C 281 -22.57 14.21 -5.49
C PHE C 281 -21.87 14.07 -4.14
N ASN C 282 -22.57 13.59 -3.13
CA ASN C 282 -21.96 13.36 -1.83
C ASN C 282 -21.02 12.17 -1.91
N PRO C 283 -19.70 12.35 -1.72
CA PRO C 283 -18.80 11.20 -1.83
C PRO C 283 -19.00 10.18 -0.72
N CYS C 284 -19.42 10.61 0.46
CA CYS C 284 -19.73 9.65 1.52
C CYS C 284 -20.94 8.81 1.17
N ALA C 285 -21.97 9.43 0.58
CA ALA C 285 -23.18 8.72 0.19
C ALA C 285 -23.02 7.94 -1.12
N ARG C 286 -22.03 8.30 -1.95
CA ARG C 286 -21.80 7.56 -3.18
C ARG C 286 -21.55 6.09 -2.84
N ILE C 287 -22.18 5.20 -3.61
CA ILE C 287 -22.13 3.78 -3.25
C ILE C 287 -20.71 3.25 -3.40
N THR C 288 -20.31 2.42 -2.44
CA THR C 288 -19.01 1.76 -2.51
C THR C 288 -19.09 0.57 -3.46
N ALA C 289 -17.93 -0.04 -3.71
CA ALA C 289 -17.88 -1.21 -4.58
C ALA C 289 -18.70 -2.35 -3.99
N THR C 290 -18.54 -2.61 -2.70
CA THR C 290 -19.34 -3.63 -2.02
C THR C 290 -20.83 -3.33 -2.15
N GLN C 291 -21.21 -2.08 -1.86
CA GLN C 291 -22.63 -1.71 -1.94
C GLN C 291 -23.15 -1.84 -3.36
N ALA C 292 -22.33 -1.47 -4.35
CA ALA C 292 -22.74 -1.61 -5.74
C ALA C 292 -22.95 -3.07 -6.09
N LEU C 293 -22.06 -3.95 -5.64
CA LEU C 293 -22.17 -5.36 -5.96
C LEU C 293 -23.42 -5.99 -5.34
N LYS C 294 -23.88 -5.44 -4.21
CA LYS C 294 -25.06 -5.98 -3.55
C LYS C 294 -26.36 -5.52 -4.20
N MET C 295 -26.31 -4.58 -5.14
CA MET C 295 -27.52 -4.02 -5.72
C MET C 295 -28.28 -5.03 -6.56
N LYS C 296 -29.59 -4.80 -6.67
CA LYS C 296 -30.45 -5.71 -7.41
C LYS C 296 -30.02 -5.84 -8.86
N TYR C 297 -29.40 -4.80 -9.42
CA TYR C 297 -29.01 -4.82 -10.83
C TYR C 297 -28.15 -6.04 -11.14
N PHE C 298 -27.14 -6.30 -10.31
CA PHE C 298 -26.26 -7.43 -10.59
C PHE C 298 -26.97 -8.75 -10.36
N SER C 299 -27.79 -8.83 -9.32
CA SER C 299 -28.49 -10.08 -9.02
C SER C 299 -29.75 -10.27 -9.85
N ASN C 300 -30.23 -9.22 -10.53
CA ASN C 300 -31.42 -9.33 -11.35
C ASN C 300 -31.10 -10.01 -12.68
N ARG C 301 -32.14 -10.38 -13.39
CA ARG C 301 -31.93 -10.86 -14.74
C ARG C 301 -31.71 -9.68 -15.70
N PRO C 302 -30.95 -9.89 -16.79
CA PRO C 302 -30.25 -11.11 -17.17
C PRO C 302 -28.91 -11.22 -16.46
N GLY C 303 -28.33 -12.42 -16.41
CA GLY C 303 -27.04 -12.62 -15.78
C GLY C 303 -25.91 -12.04 -16.62
N PRO C 304 -24.78 -11.76 -15.98
CA PRO C 304 -23.61 -11.32 -16.74
C PRO C 304 -23.14 -12.43 -17.67
N THR C 305 -22.71 -12.06 -18.87
CA THR C 305 -22.26 -13.06 -19.81
C THR C 305 -20.96 -13.69 -19.31
N PRO C 306 -20.73 -14.98 -19.58
CA PRO C 306 -19.42 -15.57 -19.29
C PRO C 306 -18.33 -14.89 -20.10
N GLY C 307 -17.09 -14.97 -19.60
CA GLY C 307 -15.98 -14.29 -20.25
C GLY C 307 -15.77 -14.74 -21.68
N CYS C 308 -15.91 -16.03 -21.94
CA CYS C 308 -15.67 -16.57 -23.27
C CYS C 308 -16.63 -15.99 -24.31
N GLN C 309 -17.81 -15.56 -23.90
CA GLN C 309 -18.84 -15.07 -24.81
C GLN C 309 -18.82 -13.55 -24.98
N LEU C 310 -17.97 -12.84 -24.24
CA LEU C 310 -17.88 -11.41 -24.40
C LEU C 310 -17.37 -11.06 -25.79
N PRO C 311 -17.85 -9.97 -26.39
CA PRO C 311 -17.48 -9.66 -27.78
C PRO C 311 -15.99 -9.36 -27.91
N ARG C 312 -15.38 -9.93 -28.94
CA ARG C 312 -13.96 -9.76 -29.19
C ARG C 312 -13.78 -8.84 -30.40
N PRO C 313 -13.17 -7.66 -30.24
CA PRO C 313 -13.04 -6.67 -31.31
C PRO C 313 -12.15 -7.15 -32.46
#